data_4LY2
# 
_entry.id   4LY2 
# 
_audit_conform.dict_name       mmcif_pdbx.dic 
_audit_conform.dict_version    5.387 
_audit_conform.dict_location   http://mmcif.pdb.org/dictionaries/ascii/mmcif_pdbx.dic 
# 
loop_
_database_2.database_id 
_database_2.database_code 
_database_2.pdbx_database_accession 
_database_2.pdbx_DOI 
PDB   4LY2         pdb_00004ly2 10.2210/pdb4ly2/pdb 
NDB   NA2622       ?            ?                   
RCSB  RCSB081229   ?            ?                   
WWPDB D_1000081229 ?            ?                   
# 
loop_
_pdbx_audit_revision_history.ordinal 
_pdbx_audit_revision_history.data_content_type 
_pdbx_audit_revision_history.major_revision 
_pdbx_audit_revision_history.minor_revision 
_pdbx_audit_revision_history.revision_date 
1 'Structure model' 1 0 2014-09-24 
2 'Structure model' 1 1 2018-01-24 
3 'Structure model' 1 2 2024-02-28 
# 
_pdbx_audit_revision_details.ordinal             1 
_pdbx_audit_revision_details.revision_ordinal    1 
_pdbx_audit_revision_details.data_content_type   'Structure model' 
_pdbx_audit_revision_details.provider            repository 
_pdbx_audit_revision_details.type                'Initial release' 
_pdbx_audit_revision_details.description         ? 
_pdbx_audit_revision_details.details             ? 
# 
loop_
_pdbx_audit_revision_group.ordinal 
_pdbx_audit_revision_group.revision_ordinal 
_pdbx_audit_revision_group.data_content_type 
_pdbx_audit_revision_group.group 
1 2 'Structure model' 'Database references'  
2 2 'Structure model' 'Structure summary'    
3 3 'Structure model' 'Data collection'      
4 3 'Structure model' 'Database references'  
5 3 'Structure model' 'Derived calculations' 
# 
loop_
_pdbx_audit_revision_category.ordinal 
_pdbx_audit_revision_category.revision_ordinal 
_pdbx_audit_revision_category.data_content_type 
_pdbx_audit_revision_category.category 
1 2 'Structure model' audit_author                 
2 2 'Structure model' citation_author              
3 3 'Structure model' chem_comp_atom               
4 3 'Structure model' chem_comp_bond               
5 3 'Structure model' database_2                   
6 3 'Structure model' pdbx_struct_conn_angle       
7 3 'Structure model' pdbx_struct_special_symmetry 
8 3 'Structure model' struct_conn                  
9 3 'Structure model' struct_site                  
# 
loop_
_pdbx_audit_revision_item.ordinal 
_pdbx_audit_revision_item.revision_ordinal 
_pdbx_audit_revision_item.data_content_type 
_pdbx_audit_revision_item.item 
1  2 'Structure model' '_audit_author.name'                          
2  2 'Structure model' '_citation_author.name'                       
3  3 'Structure model' '_database_2.pdbx_DOI'                        
4  3 'Structure model' '_database_2.pdbx_database_accession'         
5  3 'Structure model' '_pdbx_struct_conn_angle.ptnr1_auth_comp_id'  
6  3 'Structure model' '_pdbx_struct_conn_angle.ptnr1_auth_seq_id'   
7  3 'Structure model' '_pdbx_struct_conn_angle.ptnr1_label_asym_id' 
8  3 'Structure model' '_pdbx_struct_conn_angle.ptnr1_label_atom_id' 
9  3 'Structure model' '_pdbx_struct_conn_angle.ptnr1_label_comp_id' 
10 3 'Structure model' '_pdbx_struct_conn_angle.ptnr1_label_seq_id'  
11 3 'Structure model' '_pdbx_struct_conn_angle.ptnr3_auth_comp_id'  
12 3 'Structure model' '_pdbx_struct_conn_angle.ptnr3_auth_seq_id'   
13 3 'Structure model' '_pdbx_struct_conn_angle.ptnr3_label_asym_id' 
14 3 'Structure model' '_pdbx_struct_conn_angle.ptnr3_label_atom_id' 
15 3 'Structure model' '_pdbx_struct_conn_angle.ptnr3_label_comp_id' 
16 3 'Structure model' '_pdbx_struct_conn_angle.ptnr3_label_seq_id'  
17 3 'Structure model' '_pdbx_struct_conn_angle.value'               
18 3 'Structure model' '_struct_conn.pdbx_dist_value'                
19 3 'Structure model' '_struct_conn.ptnr1_auth_comp_id'             
20 3 'Structure model' '_struct_conn.ptnr1_auth_seq_id'              
21 3 'Structure model' '_struct_conn.ptnr1_label_asym_id'            
22 3 'Structure model' '_struct_conn.ptnr1_label_atom_id'            
23 3 'Structure model' '_struct_conn.ptnr1_label_comp_id'            
24 3 'Structure model' '_struct_conn.ptnr1_label_seq_id'             
25 3 'Structure model' '_struct_conn.ptnr2_auth_comp_id'             
26 3 'Structure model' '_struct_conn.ptnr2_auth_seq_id'              
27 3 'Structure model' '_struct_conn.ptnr2_label_asym_id'            
28 3 'Structure model' '_struct_conn.ptnr2_label_atom_id'            
29 3 'Structure model' '_struct_conn.ptnr2_label_comp_id'            
30 3 'Structure model' '_struct_site.pdbx_auth_asym_id'              
31 3 'Structure model' '_struct_site.pdbx_auth_comp_id'              
32 3 'Structure model' '_struct_site.pdbx_auth_seq_id'               
# 
_pdbx_database_status.status_code                     REL 
_pdbx_database_status.entry_id                        4LY2 
_pdbx_database_status.recvd_initial_deposition_date   2013-07-30 
_pdbx_database_status.deposit_site                    RCSB 
_pdbx_database_status.process_site                    RCSB 
_pdbx_database_status.status_code_sf                  REL 
_pdbx_database_status.status_code_mr                  ? 
_pdbx_database_status.SG_entry                        ? 
_pdbx_database_status.status_code_cs                  ? 
_pdbx_database_status.methods_development_category    ? 
_pdbx_database_status.pdb_format_compatible           Y 
_pdbx_database_status.status_code_nmr_data            ? 
# 
loop_
_pdbx_database_related.db_name 
_pdbx_database_related.db_id 
_pdbx_database_related.details 
_pdbx_database_related.content_type 
PDB 3UYA 'X-ray crystal structure of the ruthenium complex [Ru(tap)2(dppz)]2+ bound to d(CCGGTACCGG)' unspecified 
PDB 3UYB 'X-ray crystal structure of the ruthenium complex [Ru(tap)2(dppz)]2+ bound to d(TCGGTACCGA)' unspecified 
PDB 3U38 'Intercalation of lambda-[Ru(phen)2(dppz)]2+ into d(CCGGTACCGG)2'                            unspecified 
PDB 4E7Y 'Lambda-[Ru(phen)2(dppz)]2+ Bound to CCGGATCCGG'                                             unspecified 
# 
loop_
_audit_author.name 
_audit_author.pdbx_ordinal 
'Niyazi, H.'   1 
'Teixeira, S.' 2 
'Mitchell, E.' 3 
'Forsyth, T.'  4 
'Cardin, C.'   5 
# 
_citation.id                        primary 
_citation.title                     'X-ray crystal structure of the ruthenium complex [Ru(phen)2(dppz)]2+ bound to d(TCGGTACCGA)' 
_citation.journal_abbrev            'To be Published' 
_citation.journal_volume            ? 
_citation.page_first                ? 
_citation.page_last                 ? 
_citation.year                      ? 
_citation.journal_id_ASTM           ? 
_citation.country                   ? 
_citation.journal_id_ISSN           ? 
_citation.journal_id_CSD            0353 
_citation.book_publisher            ? 
_citation.pdbx_database_id_PubMed   ? 
_citation.pdbx_database_id_DOI      ? 
# 
loop_
_citation_author.citation_id 
_citation_author.name 
_citation_author.ordinal 
_citation_author.identifier_ORCID 
primary 'Niyazi, H.'   1 ? 
primary 'Teixeira, S.' 2 ? 
primary 'Mitchell, E.' 3 ? 
primary 'Forsyth, T.'  4 ? 
primary 'Cardin, C.'   5 ? 
# 
loop_
_entity.id 
_entity.type 
_entity.src_method 
_entity.pdbx_description 
_entity.formula_weight 
_entity.pdbx_number_of_molecules 
_entity.pdbx_ec 
_entity.pdbx_mutation 
_entity.pdbx_fragment 
_entity.details 
1 polymer     syn DNA                              3045.005 1  ? ? ? ? 
2 non-polymer syn 'Lambda-Ru(phen)2(dppz) complex' 743.779  2  ? ? ? ? 
3 non-polymer syn 'BARIUM ION'                     137.327  1  ? ? ? ? 
4 water       nat water                            18.015   20 ? ? ? ? 
# 
_entity_poly.entity_id                      1 
_entity_poly.type                           polydeoxyribonucleotide 
_entity_poly.nstd_linkage                   no 
_entity_poly.nstd_monomer                   no 
_entity_poly.pdbx_seq_one_letter_code       '(DT)(DC)(DG)(DG)(DT)(DA)(DC)(DC)(DG)(DA)' 
_entity_poly.pdbx_seq_one_letter_code_can   TCGGTACCGA 
_entity_poly.pdbx_strand_id                 A 
_entity_poly.pdbx_target_identifier         ? 
# 
loop_
_pdbx_entity_nonpoly.entity_id 
_pdbx_entity_nonpoly.name 
_pdbx_entity_nonpoly.comp_id 
2 'Lambda-Ru(phen)2(dppz) complex' RKP 
3 'BARIUM ION'                     BA  
4 water                            HOH 
# 
loop_
_entity_poly_seq.entity_id 
_entity_poly_seq.num 
_entity_poly_seq.mon_id 
_entity_poly_seq.hetero 
1 1  DT n 
1 2  DC n 
1 3  DG n 
1 4  DG n 
1 5  DT n 
1 6  DA n 
1 7  DC n 
1 8  DC n 
1 9  DG n 
1 10 DA n 
# 
_pdbx_entity_src_syn.entity_id              1 
_pdbx_entity_src_syn.pdbx_src_id            1 
_pdbx_entity_src_syn.pdbx_alt_source_flag   sample 
_pdbx_entity_src_syn.pdbx_beg_seq_num       ? 
_pdbx_entity_src_syn.pdbx_end_seq_num       ? 
_pdbx_entity_src_syn.organism_scientific    ? 
_pdbx_entity_src_syn.organism_common_name   ? 
_pdbx_entity_src_syn.ncbi_taxonomy_id       ? 
_pdbx_entity_src_syn.details                'Synthetic DNA purchased from ATDbio Ltd' 
# 
loop_
_chem_comp.id 
_chem_comp.type 
_chem_comp.mon_nstd_flag 
_chem_comp.name 
_chem_comp.pdbx_synonyms 
_chem_comp.formula 
_chem_comp.formula_weight 
BA  non-polymer   . 'BARIUM ION'                         ? 'Ba 2'            137.327 
DA  'DNA linking' y "2'-DEOXYADENOSINE-5'-MONOPHOSPHATE" ? 'C10 H14 N5 O6 P' 331.222 
DC  'DNA linking' y "2'-DEOXYCYTIDINE-5'-MONOPHOSPHATE"  ? 'C9 H14 N3 O7 P'  307.197 
DG  'DNA linking' y "2'-DEOXYGUANOSINE-5'-MONOPHOSPHATE" ? 'C10 H14 N5 O7 P' 347.221 
DT  'DNA linking' y "THYMIDINE-5'-MONOPHOSPHATE"         ? 'C10 H15 N2 O8 P' 322.208 
HOH non-polymer   . WATER                                ? 'H2 O'            18.015  
RKP non-polymer   . 'Lambda-Ru(phen)2(dppz) complex'     ? 'C42 H26 N8 Ru'   743.779 
# 
loop_
_pdbx_poly_seq_scheme.asym_id 
_pdbx_poly_seq_scheme.entity_id 
_pdbx_poly_seq_scheme.seq_id 
_pdbx_poly_seq_scheme.mon_id 
_pdbx_poly_seq_scheme.ndb_seq_num 
_pdbx_poly_seq_scheme.pdb_seq_num 
_pdbx_poly_seq_scheme.auth_seq_num 
_pdbx_poly_seq_scheme.pdb_mon_id 
_pdbx_poly_seq_scheme.auth_mon_id 
_pdbx_poly_seq_scheme.pdb_strand_id 
_pdbx_poly_seq_scheme.pdb_ins_code 
_pdbx_poly_seq_scheme.hetero 
A 1 1  DT 1  1  1  DT DT A . n 
A 1 2  DC 2  2  2  DC DC A . n 
A 1 3  DG 3  3  3  DG DG A . n 
A 1 4  DG 4  4  4  DG DG A . n 
A 1 5  DT 5  5  5  DT DT A . n 
A 1 6  DA 6  6  6  DA DA A . n 
A 1 7  DC 7  7  7  DC DC A . n 
A 1 8  DC 8  8  8  DC DC A . n 
A 1 9  DG 9  9  9  DG DG A . n 
A 1 10 DA 10 10 10 DA DA A . n 
# 
loop_
_pdbx_nonpoly_scheme.asym_id 
_pdbx_nonpoly_scheme.entity_id 
_pdbx_nonpoly_scheme.mon_id 
_pdbx_nonpoly_scheme.ndb_seq_num 
_pdbx_nonpoly_scheme.pdb_seq_num 
_pdbx_nonpoly_scheme.auth_seq_num 
_pdbx_nonpoly_scheme.pdb_mon_id 
_pdbx_nonpoly_scheme.auth_mon_id 
_pdbx_nonpoly_scheme.pdb_strand_id 
_pdbx_nonpoly_scheme.pdb_ins_code 
B 2 RKP 1  101 14 RKP RKP A . 
C 2 RKP 1  102 15 RKP RKP A . 
D 3 BA  1  103 16 BA  BA  A . 
E 4 HOH 1  201 1  HOH HOH A . 
E 4 HOH 2  202 2  HOH HOH A . 
E 4 HOH 3  203 3  HOH HOH A . 
E 4 HOH 4  204 4  HOH HOH A . 
E 4 HOH 5  205 5  HOH HOH A . 
E 4 HOH 6  206 6  HOH HOH A . 
E 4 HOH 7  207 7  HOH HOH A . 
E 4 HOH 8  208 9  HOH HOH A . 
E 4 HOH 9  209 10 HOH HOH A . 
E 4 HOH 10 210 11 HOH HOH A . 
E 4 HOH 11 211 12 HOH HOH A . 
E 4 HOH 12 212 13 HOH HOH A . 
E 4 HOH 13 213 14 HOH HOH A . 
E 4 HOH 14 214 15 HOH HOH A . 
E 4 HOH 15 215 17 HOH HOH A . 
E 4 HOH 16 216 18 HOH HOH A . 
E 4 HOH 17 217 19 HOH HOH A . 
E 4 HOH 18 218 21 HOH HOH A . 
E 4 HOH 19 219 22 HOH HOH A . 
E 4 HOH 20 220 24 HOH HOH A . 
# 
loop_
_software.name 
_software.classification 
_software.version 
_software.citation_id 
_software.pdbx_ordinal 
MxCuBE 'data collection' .        ? 1 
SHELXS phasing           .        ? 2 
REFMAC refinement        5.7.0029 ? 3 
MOSFLM 'data reduction'  .        ? 4 
SCALA  'data scaling'    .        ? 5 
# 
_cell.entry_id           4LY2 
_cell.length_a           52.450 
_cell.length_b           52.450 
_cell.length_c           32.580 
_cell.angle_alpha        90.00 
_cell.angle_beta         90.00 
_cell.angle_gamma        90.00 
_cell.Z_PDB              8 
_cell.pdbx_unique_axis   ? 
_cell.length_a_esd       ? 
_cell.length_b_esd       ? 
_cell.length_c_esd       ? 
_cell.angle_alpha_esd    ? 
_cell.angle_beta_esd     ? 
_cell.angle_gamma_esd    ? 
# 
_symmetry.entry_id                         4LY2 
_symmetry.space_group_name_H-M             'P 43 21 2' 
_symmetry.pdbx_full_space_group_name_H-M   ? 
_symmetry.cell_setting                     ? 
_symmetry.Int_Tables_number                96 
_symmetry.space_group_name_Hall            ? 
# 
_exptl.entry_id          4LY2 
_exptl.method            'X-RAY DIFFRACTION' 
_exptl.crystals_number   ? 
# 
_exptl_crystal.id                    1 
_exptl_crystal.density_meas          ? 
_exptl_crystal.density_Matthews      3.68 
_exptl_crystal.density_percent_sol   66.57 
_exptl_crystal.description           ? 
_exptl_crystal.F_000                 ? 
_exptl_crystal.preparation           ? 
# 
_exptl_crystal_grow.crystal_id      1 
_exptl_crystal_grow.method          'VAPOR DIFFUSION, SITTING DROP' 
_exptl_crystal_grow.temp            293 
_exptl_crystal_grow.temp_details    ? 
_exptl_crystal_grow.pH              7 
_exptl_crystal_grow.pdbx_details    
;Performed using the sitting drop vapour diffusion method, by adding 1ul (4mM)   L-[Ru(phen)2(dppz)]2+ to a drop containing 1ul (1mM) d(TCGGTACCGA)2, and 8ul of a solution containing 12mM spermine, 10% 2-methyl-2,4-pentanediol, 40 mM sodium cacodylate pH 7.0, 80 mM NaCl and 20 mM BaCl2. This was equilibrated against 1 ml of 35% 2-methyl-2,4-pantanediol at room temperature, 20  C., VAPOR DIFFUSION, SITTING DROP, temperature 293K
;
_exptl_crystal_grow.pdbx_pH_range   ? 
# 
_diffrn.id                     1 
_diffrn.ambient_temp           100 
_diffrn.ambient_temp_details   ? 
_diffrn.crystal_id             1 
# 
_diffrn_detector.diffrn_id              1 
_diffrn_detector.detector               CCD 
_diffrn_detector.type                   'ADSC QUANTUM 315r' 
_diffrn_detector.pdbx_collection_date   2012-06-10 
_diffrn_detector.details                ? 
# 
_diffrn_radiation.diffrn_id                        1 
_diffrn_radiation.wavelength_id                    1 
_diffrn_radiation.pdbx_monochromatic_or_laue_m_l   M 
_diffrn_radiation.monochromator                    'Si (111)' 
_diffrn_radiation.pdbx_diffrn_protocol             MAD 
_diffrn_radiation.pdbx_scattering_type             x-ray 
# 
loop_
_diffrn_radiation_wavelength.id 
_diffrn_radiation_wavelength.wavelength 
_diffrn_radiation_wavelength.wt 
1 1.54980 1.0 
2 0.97240 1.0 
# 
_diffrn_source.diffrn_id                   1 
_diffrn_source.source                      SYNCHROTRON 
_diffrn_source.type                        'ESRF BEAMLINE ID23-1' 
_diffrn_source.pdbx_synchrotron_site       ESRF 
_diffrn_source.pdbx_synchrotron_beamline   ID23-1 
_diffrn_source.pdbx_wavelength             ? 
_diffrn_source.pdbx_wavelength_list        '1.54980, 0.97240' 
# 
_reflns.entry_id                     4LY2 
_reflns.observed_criterion_sigma_I   2.0 
_reflns.observed_criterion_sigma_F   ? 
_reflns.d_resolution_low             52.45 
_reflns.d_resolution_high            1.76 
_reflns.number_obs                   4849 
_reflns.number_all                   ? 
_reflns.percent_possible_obs         98.8 
_reflns.pdbx_Rmerge_I_obs            ? 
_reflns.pdbx_Rsym_value              ? 
_reflns.pdbx_netI_over_sigmaI        ? 
_reflns.B_iso_Wilson_estimate        ? 
_reflns.pdbx_redundancy              ? 
_reflns.R_free_details               ? 
_reflns.limit_h_max                  ? 
_reflns.limit_h_min                  ? 
_reflns.limit_k_max                  ? 
_reflns.limit_k_min                  ? 
_reflns.limit_l_max                  ? 
_reflns.limit_l_min                  ? 
_reflns.observed_criterion_F_max     ? 
_reflns.observed_criterion_F_min     ? 
_reflns.pdbx_chi_squared             ? 
_reflns.pdbx_scaling_rejects         ? 
_reflns.pdbx_ordinal                 1 
_reflns.pdbx_diffrn_id               1 
# 
_refine.entry_id                                 4LY2 
_refine.ls_number_reflns_obs                     2711 
_refine.ls_number_reflns_all                     ? 
_refine.pdbx_ls_sigma_I                          ? 
_refine.pdbx_ls_sigma_F                          . 
_refine.pdbx_data_cutoff_high_absF               ? 
_refine.pdbx_data_cutoff_low_absF                ? 
_refine.pdbx_data_cutoff_high_rms_absF           ? 
_refine.ls_d_res_low                             37.09 
_refine.ls_d_res_high                            2.10 
_refine.ls_percent_reflns_obs                    97.46 
_refine.ls_R_factor_obs                          0.18968 
_refine.ls_R_factor_all                          ? 
_refine.ls_R_factor_R_work                       0.18817 
_refine.ls_R_factor_R_free                       0.21860 
_refine.ls_R_factor_R_free_error                 ? 
_refine.ls_R_factor_R_free_error_details         ? 
_refine.ls_percent_reflns_R_free                 4.5 
_refine.ls_number_reflns_R_free                  129 
_refine.ls_number_parameters                     ? 
_refine.ls_number_restraints                     ? 
_refine.occupancy_min                            ? 
_refine.occupancy_max                            ? 
_refine.correlation_coeff_Fo_to_Fc               0.936 
_refine.correlation_coeff_Fo_to_Fc_free          0.945 
_refine.B_iso_mean                               39.170 
_refine.aniso_B[1][1]                            -0.60 
_refine.aniso_B[2][2]                            -0.60 
_refine.aniso_B[3][3]                            1.19 
_refine.aniso_B[1][2]                            -0.00 
_refine.aniso_B[1][3]                            -0.00 
_refine.aniso_B[2][3]                            0.00 
_refine.solvent_model_details                    MASK 
_refine.solvent_model_param_ksol                 ? 
_refine.solvent_model_param_bsol                 ? 
_refine.pdbx_solvent_vdw_probe_radii             1.20 
_refine.pdbx_solvent_ion_probe_radii             0.80 
_refine.pdbx_solvent_shrinkage_radii             0.80 
_refine.pdbx_ls_cross_valid_method               THROUGHOUT 
_refine.details                                  'HYDROGENS HAVE BEEN ADDED IN THE RIDING POSITIONS' 
_refine.pdbx_starting_model                      ? 
_refine.pdbx_method_to_determine_struct          MAD 
_refine.pdbx_isotropic_thermal_model             ? 
_refine.pdbx_stereochemistry_target_values       'MAXIMUM LIKELIHOOD' 
_refine.pdbx_stereochem_target_val_spec_case     ? 
_refine.pdbx_R_Free_selection_details            RANDOM 
_refine.pdbx_overall_ESU_R                       0.194 
_refine.pdbx_overall_ESU_R_Free                  0.163 
_refine.overall_SU_ML                            0.108 
_refine.pdbx_overall_phase_error                 ? 
_refine.overall_SU_B                             4.391 
_refine.overall_SU_R_Cruickshank_DPI             ? 
_refine.ls_redundancy_reflns_obs                 ? 
_refine.B_iso_min                                ? 
_refine.B_iso_max                                ? 
_refine.overall_SU_R_free                        ? 
_refine.ls_wR_factor_R_free                      ? 
_refine.ls_wR_factor_R_work                      ? 
_refine.overall_FOM_free_R_set                   ? 
_refine.overall_FOM_work_R_set                   ? 
_refine.pdbx_diffrn_id                           1 
_refine.pdbx_refine_id                           'X-RAY DIFFRACTION' 
_refine.pdbx_TLS_residual_ADP_flag               ? 
_refine.pdbx_overall_SU_R_free_Cruickshank_DPI   ? 
_refine.pdbx_overall_SU_R_Blow_DPI               ? 
_refine.pdbx_overall_SU_R_free_Blow_DPI          ? 
# 
_refine_hist.pdbx_refine_id                   'X-RAY DIFFRACTION' 
_refine_hist.cycle_id                         LAST 
_refine_hist.pdbx_number_atoms_protein        0 
_refine_hist.pdbx_number_atoms_nucleic_acid   202 
_refine_hist.pdbx_number_atoms_ligand         103 
_refine_hist.number_atoms_solvent             20 
_refine_hist.number_atoms_total               325 
_refine_hist.d_res_high                       2.10 
_refine_hist.d_res_low                        37.09 
# 
loop_
_refine_ls_restr.type 
_refine_ls_restr.dev_ideal 
_refine_ls_restr.dev_ideal_target 
_refine_ls_restr.weight 
_refine_ls_restr.number 
_refine_ls_restr.pdbx_restraint_function 
_refine_ls_restr.pdbx_refine_id 
r_bond_refined_d     0.016 0.014 ? 354 ? 'X-RAY DIFFRACTION' 
r_bond_other_d       0.003 0.020 ? 171 ? 'X-RAY DIFFRACTION' 
r_angle_refined_deg  3.348 1.873 ? 565 ? 'X-RAY DIFFRACTION' 
r_angle_other_deg    3.351 3.000 ? 389 ? 'X-RAY DIFFRACTION' 
r_chiral_restr       0.884 0.200 ? 38  ? 'X-RAY DIFFRACTION' 
r_gen_planes_refined 0.032 0.020 ? 225 ? 'X-RAY DIFFRACTION' 
r_gen_planes_other   0.002 0.020 ? 104 ? 'X-RAY DIFFRACTION' 
# 
_refine_ls_shell.pdbx_total_number_of_bins_used   20 
_refine_ls_shell.d_res_high                       2.099 
_refine_ls_shell.d_res_low                        2.154 
_refine_ls_shell.number_reflns_R_work             178 
_refine_ls_shell.R_factor_R_work                  0.240 
_refine_ls_shell.percent_reflns_obs               88.41 
_refine_ls_shell.R_factor_R_free                  0.187 
_refine_ls_shell.R_factor_R_free_error            ? 
_refine_ls_shell.percent_reflns_R_free            ? 
_refine_ls_shell.number_reflns_R_free             5 
_refine_ls_shell.number_reflns_all                ? 
_refine_ls_shell.R_factor_all                     ? 
_refine_ls_shell.number_reflns_obs                ? 
_refine_ls_shell.redundancy_reflns_obs            ? 
_refine_ls_shell.pdbx_refine_id                   'X-RAY DIFFRACTION' 
# 
_struct.entry_id                  4LY2 
_struct.title                     'X-ray crystal structure of the ruthenium complex [Ru(phen)2(dppz)]2+ bound to d(TCGGTACCGA)' 
_struct.pdbx_model_details        ? 
_struct.pdbx_CASP_flag            ? 
_struct.pdbx_model_type_details   ? 
# 
_struct_keywords.entry_id        4LY2 
_struct_keywords.pdbx_keywords   DNA 
_struct_keywords.text            
;Intercalation, semi-intercalation, symmetrical intercalation, ligand binding, Light-switch compounds, DNA damage agent, guanine oxidation, DNA
;
# 
loop_
_struct_asym.id 
_struct_asym.pdbx_blank_PDB_chainid_flag 
_struct_asym.pdbx_modified 
_struct_asym.entity_id 
_struct_asym.details 
A N N 1 ? 
B N N 2 ? 
C N N 2 ? 
D N N 3 ? 
E N N 4 ? 
# 
_struct_ref.id                         1 
_struct_ref.db_name                    PDB 
_struct_ref.db_code                    4LY2 
_struct_ref.pdbx_db_accession          4LY2 
_struct_ref.entity_id                  1 
_struct_ref.pdbx_align_begin           ? 
_struct_ref.pdbx_seq_one_letter_code   TCGGTACCGA 
_struct_ref.pdbx_db_isoform            ? 
# 
_struct_ref_seq.align_id                      1 
_struct_ref_seq.ref_id                        1 
_struct_ref_seq.pdbx_PDB_id_code              4LY2 
_struct_ref_seq.pdbx_strand_id                A 
_struct_ref_seq.seq_align_beg                 1 
_struct_ref_seq.pdbx_seq_align_beg_ins_code   ? 
_struct_ref_seq.seq_align_end                 10 
_struct_ref_seq.pdbx_seq_align_end_ins_code   ? 
_struct_ref_seq.pdbx_db_accession             4LY2 
_struct_ref_seq.db_align_beg                  1 
_struct_ref_seq.pdbx_db_align_beg_ins_code    ? 
_struct_ref_seq.db_align_end                  10 
_struct_ref_seq.pdbx_db_align_end_ins_code    ? 
_struct_ref_seq.pdbx_auth_seq_align_beg       1 
_struct_ref_seq.pdbx_auth_seq_align_end       10 
# 
_pdbx_struct_assembly.id                   1 
_pdbx_struct_assembly.details              author_and_software_defined_assembly 
_pdbx_struct_assembly.method_details       PISA 
_pdbx_struct_assembly.oligomeric_details   dimeric 
_pdbx_struct_assembly.oligomeric_count     2 
# 
loop_
_pdbx_struct_assembly_prop.biol_id 
_pdbx_struct_assembly_prop.type 
_pdbx_struct_assembly_prop.value 
_pdbx_struct_assembly_prop.details 
1 'ABSA (A^2)' 930  ? 
1 MORE         -5   ? 
1 'SSA (A^2)'  4600 ? 
# 
_pdbx_struct_assembly_gen.assembly_id       1 
_pdbx_struct_assembly_gen.oper_expression   1,2 
_pdbx_struct_assembly_gen.asym_id_list      A,B,C,D,E 
# 
loop_
_pdbx_struct_oper_list.id 
_pdbx_struct_oper_list.type 
_pdbx_struct_oper_list.name 
_pdbx_struct_oper_list.symmetry_operation 
_pdbx_struct_oper_list.matrix[1][1] 
_pdbx_struct_oper_list.matrix[1][2] 
_pdbx_struct_oper_list.matrix[1][3] 
_pdbx_struct_oper_list.vector[1] 
_pdbx_struct_oper_list.matrix[2][1] 
_pdbx_struct_oper_list.matrix[2][2] 
_pdbx_struct_oper_list.matrix[2][3] 
_pdbx_struct_oper_list.vector[2] 
_pdbx_struct_oper_list.matrix[3][1] 
_pdbx_struct_oper_list.matrix[3][2] 
_pdbx_struct_oper_list.matrix[3][3] 
_pdbx_struct_oper_list.vector[3] 
1 'identity operation'         1_555 x,y,z  1.0000000000 0.0000000000 0.0000000000 0.0000000000 0.0000000000 1.0000000000  0.0000000000 0.0000000000 0.0000000000 0.0000000000 1.0000000000  0.0000000000  
2 'crystal symmetry operation' 7_555 y,x,-z 0.4151696857 0.1926600302 0.8891098047 0.8757445498 0.1926600302 -0.9737714229 0.1210426732 4.8490592338 0.8891098047 0.1210426732 -0.4413982629 -2.4446328522 
# 
_struct_biol.id        1 
_struct_biol.details   ? 
# 
loop_
_struct_conn.id 
_struct_conn.conn_type_id 
_struct_conn.pdbx_leaving_atom_flag 
_struct_conn.pdbx_PDB_id 
_struct_conn.ptnr1_label_asym_id 
_struct_conn.ptnr1_label_comp_id 
_struct_conn.ptnr1_label_seq_id 
_struct_conn.ptnr1_label_atom_id 
_struct_conn.pdbx_ptnr1_label_alt_id 
_struct_conn.pdbx_ptnr1_PDB_ins_code 
_struct_conn.pdbx_ptnr1_standard_comp_id 
_struct_conn.ptnr1_symmetry 
_struct_conn.ptnr2_label_asym_id 
_struct_conn.ptnr2_label_comp_id 
_struct_conn.ptnr2_label_seq_id 
_struct_conn.ptnr2_label_atom_id 
_struct_conn.pdbx_ptnr2_label_alt_id 
_struct_conn.pdbx_ptnr2_PDB_ins_code 
_struct_conn.ptnr1_auth_asym_id 
_struct_conn.ptnr1_auth_comp_id 
_struct_conn.ptnr1_auth_seq_id 
_struct_conn.ptnr2_auth_asym_id 
_struct_conn.ptnr2_auth_comp_id 
_struct_conn.ptnr2_auth_seq_id 
_struct_conn.ptnr2_symmetry 
_struct_conn.pdbx_ptnr3_label_atom_id 
_struct_conn.pdbx_ptnr3_label_seq_id 
_struct_conn.pdbx_ptnr3_label_comp_id 
_struct_conn.pdbx_ptnr3_label_asym_id 
_struct_conn.pdbx_ptnr3_label_alt_id 
_struct_conn.pdbx_ptnr3_PDB_ins_code 
_struct_conn.details 
_struct_conn.pdbx_dist_value 
_struct_conn.pdbx_value_order 
_struct_conn.pdbx_role 
metalc1  metalc ? ? A DG 4 O6 ? ? ? 1_555 D BA  . BA ? ? A DG 4   A BA  103 1_555 ? ? ? ? ? ? ?            2.893 ? ? 
metalc2  metalc ? ? A DT 5 O4 ? ? ? 1_555 D BA  . BA ? ? A DT 5   A BA  103 1_555 ? ? ? ? ? ? ?            2.964 ? ? 
metalc3  metalc ? ? D BA . BA ? ? ? 1_555 E HOH . O  ? ? A BA 103 A HOH 210 1_555 ? ? ? ? ? ? ?            2.835 ? ? 
metalc4  metalc ? ? D BA . BA ? ? ? 1_555 E HOH . O  ? ? A BA 103 A HOH 212 1_555 ? ? ? ? ? ? ?            2.951 ? ? 
metalc5  metalc ? ? D BA . BA ? ? ? 1_555 E HOH . O  ? ? A BA 103 A HOH 213 1_555 ? ? ? ? ? ? ?            3.039 ? ? 
hydrog1  hydrog ? ? A DC 2 N3 ? ? ? 1_555 A DG  9 N1 ? ? A DC 2   A DG  9   7_555 ? ? ? ? ? ? WATSON-CRICK ?     ? ? 
hydrog2  hydrog ? ? A DC 2 N4 ? ? ? 1_555 A DG  9 O6 ? ? A DC 2   A DG  9   7_555 ? ? ? ? ? ? WATSON-CRICK ?     ? ? 
hydrog3  hydrog ? ? A DC 2 O2 ? ? ? 1_555 A DG  9 N2 ? ? A DC 2   A DG  9   7_555 ? ? ? ? ? ? WATSON-CRICK ?     ? ? 
hydrog4  hydrog ? ? A DG 3 N1 ? ? ? 1_555 A DC  8 N3 ? ? A DG 3   A DC  8   7_555 ? ? ? ? ? ? WATSON-CRICK ?     ? ? 
hydrog5  hydrog ? ? A DG 3 N2 ? ? ? 1_555 A DC  8 O2 ? ? A DG 3   A DC  8   7_555 ? ? ? ? ? ? WATSON-CRICK ?     ? ? 
hydrog6  hydrog ? ? A DG 3 O6 ? ? ? 1_555 A DC  8 N4 ? ? A DG 3   A DC  8   7_555 ? ? ? ? ? ? WATSON-CRICK ?     ? ? 
hydrog7  hydrog ? ? A DG 4 N1 ? ? ? 1_555 A DC  7 N3 ? ? A DG 4   A DC  7   7_555 ? ? ? ? ? ? WATSON-CRICK ?     ? ? 
hydrog8  hydrog ? ? A DG 4 N2 ? ? ? 1_555 A DC  7 O2 ? ? A DG 4   A DC  7   7_555 ? ? ? ? ? ? WATSON-CRICK ?     ? ? 
hydrog9  hydrog ? ? A DG 4 O6 ? ? ? 1_555 A DC  7 N4 ? ? A DG 4   A DC  7   7_555 ? ? ? ? ? ? WATSON-CRICK ?     ? ? 
hydrog10 hydrog ? ? A DT 5 N3 ? ? ? 1_555 A DA  6 N1 ? ? A DT 5   A DA  6   7_555 ? ? ? ? ? ? WATSON-CRICK ?     ? ? 
hydrog11 hydrog ? ? A DT 5 O4 ? ? ? 1_555 A DA  6 N6 ? ? A DT 5   A DA  6   7_555 ? ? ? ? ? ? WATSON-CRICK ?     ? ? 
hydrog12 hydrog ? ? A DA 6 N1 ? ? ? 1_555 A DT  5 N3 ? ? A DA 6   A DT  5   7_555 ? ? ? ? ? ? WATSON-CRICK ?     ? ? 
hydrog13 hydrog ? ? A DA 6 N6 ? ? ? 1_555 A DT  5 O4 ? ? A DA 6   A DT  5   7_555 ? ? ? ? ? ? WATSON-CRICK ?     ? ? 
hydrog14 hydrog ? ? A DC 7 N3 ? ? ? 1_555 A DG  4 N1 ? ? A DC 7   A DG  4   7_555 ? ? ? ? ? ? WATSON-CRICK ?     ? ? 
hydrog15 hydrog ? ? A DC 7 N4 ? ? ? 1_555 A DG  4 O6 ? ? A DC 7   A DG  4   7_555 ? ? ? ? ? ? WATSON-CRICK ?     ? ? 
hydrog16 hydrog ? ? A DC 7 O2 ? ? ? 1_555 A DG  4 N2 ? ? A DC 7   A DG  4   7_555 ? ? ? ? ? ? WATSON-CRICK ?     ? ? 
hydrog17 hydrog ? ? A DC 8 N3 ? ? ? 1_555 A DG  3 N1 ? ? A DC 8   A DG  3   7_555 ? ? ? ? ? ? WATSON-CRICK ?     ? ? 
hydrog18 hydrog ? ? A DC 8 N4 ? ? ? 1_555 A DG  3 O6 ? ? A DC 8   A DG  3   7_555 ? ? ? ? ? ? WATSON-CRICK ?     ? ? 
hydrog19 hydrog ? ? A DC 8 O2 ? ? ? 1_555 A DG  3 N2 ? ? A DC 8   A DG  3   7_555 ? ? ? ? ? ? WATSON-CRICK ?     ? ? 
hydrog20 hydrog ? ? A DG 9 N1 ? ? ? 1_555 A DC  2 N3 ? ? A DG 9   A DC  2   7_555 ? ? ? ? ? ? WATSON-CRICK ?     ? ? 
hydrog21 hydrog ? ? A DG 9 N2 ? ? ? 1_555 A DC  2 O2 ? ? A DG 9   A DC  2   7_555 ? ? ? ? ? ? WATSON-CRICK ?     ? ? 
hydrog22 hydrog ? ? A DG 9 O6 ? ? ? 1_555 A DC  2 N4 ? ? A DG 9   A DC  2   7_555 ? ? ? ? ? ? WATSON-CRICK ?     ? ? 
# 
loop_
_struct_conn_type.id 
_struct_conn_type.criteria 
_struct_conn_type.reference 
metalc ? ? 
hydrog ? ? 
# 
loop_
_pdbx_struct_conn_angle.id 
_pdbx_struct_conn_angle.ptnr1_label_atom_id 
_pdbx_struct_conn_angle.ptnr1_label_alt_id 
_pdbx_struct_conn_angle.ptnr1_label_asym_id 
_pdbx_struct_conn_angle.ptnr1_label_comp_id 
_pdbx_struct_conn_angle.ptnr1_label_seq_id 
_pdbx_struct_conn_angle.ptnr1_auth_atom_id 
_pdbx_struct_conn_angle.ptnr1_auth_asym_id 
_pdbx_struct_conn_angle.ptnr1_auth_comp_id 
_pdbx_struct_conn_angle.ptnr1_auth_seq_id 
_pdbx_struct_conn_angle.ptnr1_PDB_ins_code 
_pdbx_struct_conn_angle.ptnr1_symmetry 
_pdbx_struct_conn_angle.ptnr2_label_atom_id 
_pdbx_struct_conn_angle.ptnr2_label_alt_id 
_pdbx_struct_conn_angle.ptnr2_label_asym_id 
_pdbx_struct_conn_angle.ptnr2_label_comp_id 
_pdbx_struct_conn_angle.ptnr2_label_seq_id 
_pdbx_struct_conn_angle.ptnr2_auth_atom_id 
_pdbx_struct_conn_angle.ptnr2_auth_asym_id 
_pdbx_struct_conn_angle.ptnr2_auth_comp_id 
_pdbx_struct_conn_angle.ptnr2_auth_seq_id 
_pdbx_struct_conn_angle.ptnr2_PDB_ins_code 
_pdbx_struct_conn_angle.ptnr2_symmetry 
_pdbx_struct_conn_angle.ptnr3_label_atom_id 
_pdbx_struct_conn_angle.ptnr3_label_alt_id 
_pdbx_struct_conn_angle.ptnr3_label_asym_id 
_pdbx_struct_conn_angle.ptnr3_label_comp_id 
_pdbx_struct_conn_angle.ptnr3_label_seq_id 
_pdbx_struct_conn_angle.ptnr3_auth_atom_id 
_pdbx_struct_conn_angle.ptnr3_auth_asym_id 
_pdbx_struct_conn_angle.ptnr3_auth_comp_id 
_pdbx_struct_conn_angle.ptnr3_auth_seq_id 
_pdbx_struct_conn_angle.ptnr3_PDB_ins_code 
_pdbx_struct_conn_angle.ptnr3_symmetry 
_pdbx_struct_conn_angle.value 
_pdbx_struct_conn_angle.value_esd 
1  O6 ? A DG  4 ? A DG  4   ? 1_555 BA ? D BA . ? A BA 103 ? 1_555 O4 ? A DT  5 ? A DT  5   ? 1_555 70.5  ? 
2  O6 ? A DG  4 ? A DG  4   ? 1_555 BA ? D BA . ? A BA 103 ? 1_555 O  ? E HOH . ? A HOH 210 ? 1_555 134.8 ? 
3  O4 ? A DT  5 ? A DT  5   ? 1_555 BA ? D BA . ? A BA 103 ? 1_555 O  ? E HOH . ? A HOH 210 ? 1_555 65.1  ? 
4  O6 ? A DG  4 ? A DG  4   ? 1_555 BA ? D BA . ? A BA 103 ? 1_555 O  ? E HOH . ? A HOH 212 ? 1_555 136.3 ? 
5  O4 ? A DT  5 ? A DT  5   ? 1_555 BA ? D BA . ? A BA 103 ? 1_555 O  ? E HOH . ? A HOH 212 ? 1_555 151.6 ? 
6  O  ? E HOH . ? A HOH 210 ? 1_555 BA ? D BA . ? A BA 103 ? 1_555 O  ? E HOH . ? A HOH 212 ? 1_555 86.7  ? 
7  O6 ? A DG  4 ? A DG  4   ? 1_555 BA ? D BA . ? A BA 103 ? 1_555 O  ? E HOH . ? A HOH 213 ? 1_555 127.3 ? 
8  O4 ? A DT  5 ? A DT  5   ? 1_555 BA ? D BA . ? A BA 103 ? 1_555 O  ? E HOH . ? A HOH 213 ? 1_555 103.7 ? 
9  O  ? E HOH . ? A HOH 210 ? 1_555 BA ? D BA . ? A BA 103 ? 1_555 O  ? E HOH . ? A HOH 213 ? 1_555 73.0  ? 
10 O  ? E HOH . ? A HOH 212 ? 1_555 BA ? D BA . ? A BA 103 ? 1_555 O  ? E HOH . ? A HOH 213 ? 1_555 69.6  ? 
# 
loop_
_struct_site.id 
_struct_site.pdbx_evidence_code 
_struct_site.pdbx_auth_asym_id 
_struct_site.pdbx_auth_comp_id 
_struct_site.pdbx_auth_seq_id 
_struct_site.pdbx_auth_ins_code 
_struct_site.pdbx_num_residues 
_struct_site.details 
AC1 Software A RKP 101 ? 9 'BINDING SITE FOR RESIDUE RKP A 101' 
AC2 Software A RKP 102 ? 8 'BINDING SITE FOR RESIDUE RKP A 102' 
AC3 Software A BA  103 ? 8 'BINDING SITE FOR RESIDUE BA A 103'  
# 
loop_
_struct_site_gen.id 
_struct_site_gen.site_id 
_struct_site_gen.pdbx_num_res 
_struct_site_gen.label_comp_id 
_struct_site_gen.label_asym_id 
_struct_site_gen.label_seq_id 
_struct_site_gen.pdbx_auth_ins_code 
_struct_site_gen.auth_comp_id 
_struct_site_gen.auth_asym_id 
_struct_site_gen.auth_seq_id 
_struct_site_gen.label_atom_id 
_struct_site_gen.label_alt_id 
_struct_site_gen.symmetry 
_struct_site_gen.details 
1  AC1 9 DT  A 1  ? DT  A 1   . ? 3_544 ? 
2  AC1 9 DC  A 2  ? DC  A 2   . ? 3_544 ? 
3  AC1 9 DG  A 3  ? DG  A 3   . ? 1_555 ? 
4  AC1 9 DG  A 3  ? DG  A 3   . ? 3_544 ? 
5  AC1 9 DG  A 4  ? DG  A 4   . ? 1_555 ? 
6  AC1 9 DC  A 7  ? DC  A 7   . ? 7_555 ? 
7  AC1 9 DC  A 8  ? DC  A 8   . ? 7_555 ? 
8  AC1 9 DG  A 9  ? DG  A 9   . ? 5_544 ? 
9  AC1 9 DA  A 10 ? DA  A 10  . ? 5_544 ? 
10 AC2 8 DG  A 4  ? DG  A 4   . ? 7_555 ? 
11 AC2 8 DG  A 4  ? DG  A 4   . ? 1_555 ? 
12 AC2 8 DT  A 5  ? DT  A 5   . ? 1_555 ? 
13 AC2 8 DT  A 5  ? DT  A 5   . ? 7_555 ? 
14 AC2 8 DA  A 6  ? DA  A 6   . ? 7_555 ? 
15 AC2 8 DA  A 6  ? DA  A 6   . ? 1_555 ? 
16 AC2 8 DC  A 7  ? DC  A 7   . ? 7_555 ? 
17 AC2 8 DC  A 7  ? DC  A 7   . ? 1_555 ? 
18 AC3 8 DG  A 3  ? DG  A 3   . ? 1_555 ? 
19 AC3 8 DG  A 4  ? DG  A 4   . ? 1_555 ? 
20 AC3 8 DT  A 5  ? DT  A 5   . ? 1_555 ? 
21 AC3 8 HOH E .  ? HOH A 210 . ? 1_555 ? 
22 AC3 8 HOH E .  ? HOH A 211 . ? 1_555 ? 
23 AC3 8 HOH E .  ? HOH A 212 . ? 1_555 ? 
24 AC3 8 HOH E .  ? HOH A 213 . ? 1_555 ? 
25 AC3 8 HOH E .  ? HOH A 218 . ? 1_555 ? 
# 
_pdbx_validate_symm_contact.id                1 
_pdbx_validate_symm_contact.PDB_model_num     1 
_pdbx_validate_symm_contact.auth_atom_id_1    O4 
_pdbx_validate_symm_contact.auth_asym_id_1    A 
_pdbx_validate_symm_contact.auth_comp_id_1    DT 
_pdbx_validate_symm_contact.auth_seq_id_1     1 
_pdbx_validate_symm_contact.PDB_ins_code_1    ? 
_pdbx_validate_symm_contact.label_alt_id_1    ? 
_pdbx_validate_symm_contact.site_symmetry_1   1_555 
_pdbx_validate_symm_contact.auth_atom_id_2    N1 
_pdbx_validate_symm_contact.auth_asym_id_2    A 
_pdbx_validate_symm_contact.auth_comp_id_2    DA 
_pdbx_validate_symm_contact.auth_seq_id_2     10 
_pdbx_validate_symm_contact.PDB_ins_code_2    ? 
_pdbx_validate_symm_contact.label_alt_id_2    ? 
_pdbx_validate_symm_contact.site_symmetry_2   7_555 
_pdbx_validate_symm_contact.dist              1.97 
# 
loop_
_pdbx_struct_special_symmetry.id 
_pdbx_struct_special_symmetry.PDB_model_num 
_pdbx_struct_special_symmetry.auth_asym_id 
_pdbx_struct_special_symmetry.auth_comp_id 
_pdbx_struct_special_symmetry.auth_seq_id 
_pdbx_struct_special_symmetry.PDB_ins_code 
_pdbx_struct_special_symmetry.label_asym_id 
_pdbx_struct_special_symmetry.label_comp_id 
_pdbx_struct_special_symmetry.label_seq_id 
1 1 A RKP 102 ? C RKP . 
2 1 A HOH 217 ? E HOH . 
# 
loop_
_chem_comp_atom.comp_id 
_chem_comp_atom.atom_id 
_chem_comp_atom.type_symbol 
_chem_comp_atom.pdbx_aromatic_flag 
_chem_comp_atom.pdbx_stereo_config 
_chem_comp_atom.pdbx_ordinal 
BA  BA     BA N N 1   
DA  OP3    O  N N 2   
DA  P      P  N N 3   
DA  OP1    O  N N 4   
DA  OP2    O  N N 5   
DA  "O5'"  O  N N 6   
DA  "C5'"  C  N N 7   
DA  "C4'"  C  N R 8   
DA  "O4'"  O  N N 9   
DA  "C3'"  C  N S 10  
DA  "O3'"  O  N N 11  
DA  "C2'"  C  N N 12  
DA  "C1'"  C  N R 13  
DA  N9     N  Y N 14  
DA  C8     C  Y N 15  
DA  N7     N  Y N 16  
DA  C5     C  Y N 17  
DA  C6     C  Y N 18  
DA  N6     N  N N 19  
DA  N1     N  Y N 20  
DA  C2     C  Y N 21  
DA  N3     N  Y N 22  
DA  C4     C  Y N 23  
DA  HOP3   H  N N 24  
DA  HOP2   H  N N 25  
DA  "H5'"  H  N N 26  
DA  "H5''" H  N N 27  
DA  "H4'"  H  N N 28  
DA  "H3'"  H  N N 29  
DA  "HO3'" H  N N 30  
DA  "H2'"  H  N N 31  
DA  "H2''" H  N N 32  
DA  "H1'"  H  N N 33  
DA  H8     H  N N 34  
DA  H61    H  N N 35  
DA  H62    H  N N 36  
DA  H2     H  N N 37  
DC  OP3    O  N N 38  
DC  P      P  N N 39  
DC  OP1    O  N N 40  
DC  OP2    O  N N 41  
DC  "O5'"  O  N N 42  
DC  "C5'"  C  N N 43  
DC  "C4'"  C  N R 44  
DC  "O4'"  O  N N 45  
DC  "C3'"  C  N S 46  
DC  "O3'"  O  N N 47  
DC  "C2'"  C  N N 48  
DC  "C1'"  C  N R 49  
DC  N1     N  N N 50  
DC  C2     C  N N 51  
DC  O2     O  N N 52  
DC  N3     N  N N 53  
DC  C4     C  N N 54  
DC  N4     N  N N 55  
DC  C5     C  N N 56  
DC  C6     C  N N 57  
DC  HOP3   H  N N 58  
DC  HOP2   H  N N 59  
DC  "H5'"  H  N N 60  
DC  "H5''" H  N N 61  
DC  "H4'"  H  N N 62  
DC  "H3'"  H  N N 63  
DC  "HO3'" H  N N 64  
DC  "H2'"  H  N N 65  
DC  "H2''" H  N N 66  
DC  "H1'"  H  N N 67  
DC  H41    H  N N 68  
DC  H42    H  N N 69  
DC  H5     H  N N 70  
DC  H6     H  N N 71  
DG  OP3    O  N N 72  
DG  P      P  N N 73  
DG  OP1    O  N N 74  
DG  OP2    O  N N 75  
DG  "O5'"  O  N N 76  
DG  "C5'"  C  N N 77  
DG  "C4'"  C  N R 78  
DG  "O4'"  O  N N 79  
DG  "C3'"  C  N S 80  
DG  "O3'"  O  N N 81  
DG  "C2'"  C  N N 82  
DG  "C1'"  C  N R 83  
DG  N9     N  Y N 84  
DG  C8     C  Y N 85  
DG  N7     N  Y N 86  
DG  C5     C  Y N 87  
DG  C6     C  N N 88  
DG  O6     O  N N 89  
DG  N1     N  N N 90  
DG  C2     C  N N 91  
DG  N2     N  N N 92  
DG  N3     N  N N 93  
DG  C4     C  Y N 94  
DG  HOP3   H  N N 95  
DG  HOP2   H  N N 96  
DG  "H5'"  H  N N 97  
DG  "H5''" H  N N 98  
DG  "H4'"  H  N N 99  
DG  "H3'"  H  N N 100 
DG  "HO3'" H  N N 101 
DG  "H2'"  H  N N 102 
DG  "H2''" H  N N 103 
DG  "H1'"  H  N N 104 
DG  H8     H  N N 105 
DG  H1     H  N N 106 
DG  H21    H  N N 107 
DG  H22    H  N N 108 
DT  OP3    O  N N 109 
DT  P      P  N N 110 
DT  OP1    O  N N 111 
DT  OP2    O  N N 112 
DT  "O5'"  O  N N 113 
DT  "C5'"  C  N N 114 
DT  "C4'"  C  N R 115 
DT  "O4'"  O  N N 116 
DT  "C3'"  C  N S 117 
DT  "O3'"  O  N N 118 
DT  "C2'"  C  N N 119 
DT  "C1'"  C  N R 120 
DT  N1     N  N N 121 
DT  C2     C  N N 122 
DT  O2     O  N N 123 
DT  N3     N  N N 124 
DT  C4     C  N N 125 
DT  O4     O  N N 126 
DT  C5     C  N N 127 
DT  C7     C  N N 128 
DT  C6     C  N N 129 
DT  HOP3   H  N N 130 
DT  HOP2   H  N N 131 
DT  "H5'"  H  N N 132 
DT  "H5''" H  N N 133 
DT  "H4'"  H  N N 134 
DT  "H3'"  H  N N 135 
DT  "HO3'" H  N N 136 
DT  "H2'"  H  N N 137 
DT  "H2''" H  N N 138 
DT  "H1'"  H  N N 139 
DT  H3     H  N N 140 
DT  H71    H  N N 141 
DT  H72    H  N N 142 
DT  H73    H  N N 143 
DT  H6     H  N N 144 
HOH O      O  N N 145 
HOH H1     H  N N 146 
HOH H2     H  N N 147 
RKP RU     RU N N 148 
RKP C1     C  Y N 149 
RKP N1     N  Y N 150 
RKP C2     C  Y N 151 
RKP N2     N  Y N 152 
RKP C3     C  Y N 153 
RKP N3     N  Y N 154 
RKP C4     C  Y N 155 
RKP N4     N  Y N 156 
RKP C5     C  Y N 157 
RKP N5     N  Y N 158 
RKP C6     C  Y N 159 
RKP C7     C  Y N 160 
RKP C8     C  Y N 161 
RKP N8     N  Y N 162 
RKP C9     C  Y N 163 
RKP N9     N  Y N 164 
RKP C10    C  Y N 165 
RKP C11    C  Y N 166 
RKP C12    C  Y N 167 
RKP N12    N  Y N 168 
RKP C13    C  Y N 169 
RKP C14    C  Y N 170 
RKP C15    C  Y N 171 
RKP C16    C  Y N 172 
RKP C17    C  Y N 173 
RKP C18    C  Y N 174 
RKP C19    C  Y N 175 
RKP C20    C  Y N 176 
RKP C21    C  Y N 177 
RKP C22    C  Y N 178 
RKP C23    C  Y N 179 
RKP C24    C  Y N 180 
RKP C25    C  Y N 181 
RKP C26    C  Y N 182 
RKP C27    C  Y N 183 
RKP C28    C  Y N 184 
RKP C29    C  Y N 185 
RKP C30    C  Y N 186 
RKP C31    C  Y N 187 
RKP C32    C  Y N 188 
RKP C33    C  Y N 189 
RKP C34    C  Y N 190 
RKP C35    C  Y N 191 
RKP C36    C  Y N 192 
RKP C37    C  Y N 193 
RKP C38    C  Y N 194 
RKP C41    C  Y N 195 
RKP C42    C  Y N 196 
RKP C43    C  Y N 197 
RKP C44    C  Y N 198 
RKP H2     H  N N 199 
RKP H3     H  N N 200 
RKP H4     H  N N 201 
RKP H9     H  N N 202 
RKP H11    H  N N 203 
RKP H12    H  N N 204 
RKP H14    H  N N 205 
RKP H16    H  N N 206 
RKP H17    H  N N 207 
RKP H18    H  N N 208 
RKP H20    H  N N 209 
RKP H21    H  N N 210 
RKP H23    H  N N 211 
RKP H24    H  N N 212 
RKP H27    H  N N 213 
RKP H28    H  N N 214 
RKP H30    H  N N 215 
RKP H31    H  N N 216 
RKP H33    H  N N 217 
RKP H34    H  N N 218 
RKP H37    H  N N 219 
RKP H38    H  N N 220 
RKP H41    H  N N 221 
RKP H42    H  N N 222 
RKP H43    H  N N 223 
RKP H44    H  N N 224 
# 
loop_
_chem_comp_bond.comp_id 
_chem_comp_bond.atom_id_1 
_chem_comp_bond.atom_id_2 
_chem_comp_bond.value_order 
_chem_comp_bond.pdbx_aromatic_flag 
_chem_comp_bond.pdbx_stereo_config 
_chem_comp_bond.pdbx_ordinal 
DA  OP3   P      sing N N 1   
DA  OP3   HOP3   sing N N 2   
DA  P     OP1    doub N N 3   
DA  P     OP2    sing N N 4   
DA  P     "O5'"  sing N N 5   
DA  OP2   HOP2   sing N N 6   
DA  "O5'" "C5'"  sing N N 7   
DA  "C5'" "C4'"  sing N N 8   
DA  "C5'" "H5'"  sing N N 9   
DA  "C5'" "H5''" sing N N 10  
DA  "C4'" "O4'"  sing N N 11  
DA  "C4'" "C3'"  sing N N 12  
DA  "C4'" "H4'"  sing N N 13  
DA  "O4'" "C1'"  sing N N 14  
DA  "C3'" "O3'"  sing N N 15  
DA  "C3'" "C2'"  sing N N 16  
DA  "C3'" "H3'"  sing N N 17  
DA  "O3'" "HO3'" sing N N 18  
DA  "C2'" "C1'"  sing N N 19  
DA  "C2'" "H2'"  sing N N 20  
DA  "C2'" "H2''" sing N N 21  
DA  "C1'" N9     sing N N 22  
DA  "C1'" "H1'"  sing N N 23  
DA  N9    C8     sing Y N 24  
DA  N9    C4     sing Y N 25  
DA  C8    N7     doub Y N 26  
DA  C8    H8     sing N N 27  
DA  N7    C5     sing Y N 28  
DA  C5    C6     sing Y N 29  
DA  C5    C4     doub Y N 30  
DA  C6    N6     sing N N 31  
DA  C6    N1     doub Y N 32  
DA  N6    H61    sing N N 33  
DA  N6    H62    sing N N 34  
DA  N1    C2     sing Y N 35  
DA  C2    N3     doub Y N 36  
DA  C2    H2     sing N N 37  
DA  N3    C4     sing Y N 38  
DC  OP3   P      sing N N 39  
DC  OP3   HOP3   sing N N 40  
DC  P     OP1    doub N N 41  
DC  P     OP2    sing N N 42  
DC  P     "O5'"  sing N N 43  
DC  OP2   HOP2   sing N N 44  
DC  "O5'" "C5'"  sing N N 45  
DC  "C5'" "C4'"  sing N N 46  
DC  "C5'" "H5'"  sing N N 47  
DC  "C5'" "H5''" sing N N 48  
DC  "C4'" "O4'"  sing N N 49  
DC  "C4'" "C3'"  sing N N 50  
DC  "C4'" "H4'"  sing N N 51  
DC  "O4'" "C1'"  sing N N 52  
DC  "C3'" "O3'"  sing N N 53  
DC  "C3'" "C2'"  sing N N 54  
DC  "C3'" "H3'"  sing N N 55  
DC  "O3'" "HO3'" sing N N 56  
DC  "C2'" "C1'"  sing N N 57  
DC  "C2'" "H2'"  sing N N 58  
DC  "C2'" "H2''" sing N N 59  
DC  "C1'" N1     sing N N 60  
DC  "C1'" "H1'"  sing N N 61  
DC  N1    C2     sing N N 62  
DC  N1    C6     sing N N 63  
DC  C2    O2     doub N N 64  
DC  C2    N3     sing N N 65  
DC  N3    C4     doub N N 66  
DC  C4    N4     sing N N 67  
DC  C4    C5     sing N N 68  
DC  N4    H41    sing N N 69  
DC  N4    H42    sing N N 70  
DC  C5    C6     doub N N 71  
DC  C5    H5     sing N N 72  
DC  C6    H6     sing N N 73  
DG  OP3   P      sing N N 74  
DG  OP3   HOP3   sing N N 75  
DG  P     OP1    doub N N 76  
DG  P     OP2    sing N N 77  
DG  P     "O5'"  sing N N 78  
DG  OP2   HOP2   sing N N 79  
DG  "O5'" "C5'"  sing N N 80  
DG  "C5'" "C4'"  sing N N 81  
DG  "C5'" "H5'"  sing N N 82  
DG  "C5'" "H5''" sing N N 83  
DG  "C4'" "O4'"  sing N N 84  
DG  "C4'" "C3'"  sing N N 85  
DG  "C4'" "H4'"  sing N N 86  
DG  "O4'" "C1'"  sing N N 87  
DG  "C3'" "O3'"  sing N N 88  
DG  "C3'" "C2'"  sing N N 89  
DG  "C3'" "H3'"  sing N N 90  
DG  "O3'" "HO3'" sing N N 91  
DG  "C2'" "C1'"  sing N N 92  
DG  "C2'" "H2'"  sing N N 93  
DG  "C2'" "H2''" sing N N 94  
DG  "C1'" N9     sing N N 95  
DG  "C1'" "H1'"  sing N N 96  
DG  N9    C8     sing Y N 97  
DG  N9    C4     sing Y N 98  
DG  C8    N7     doub Y N 99  
DG  C8    H8     sing N N 100 
DG  N7    C5     sing Y N 101 
DG  C5    C6     sing N N 102 
DG  C5    C4     doub Y N 103 
DG  C6    O6     doub N N 104 
DG  C6    N1     sing N N 105 
DG  N1    C2     sing N N 106 
DG  N1    H1     sing N N 107 
DG  C2    N2     sing N N 108 
DG  C2    N3     doub N N 109 
DG  N2    H21    sing N N 110 
DG  N2    H22    sing N N 111 
DG  N3    C4     sing N N 112 
DT  OP3   P      sing N N 113 
DT  OP3   HOP3   sing N N 114 
DT  P     OP1    doub N N 115 
DT  P     OP2    sing N N 116 
DT  P     "O5'"  sing N N 117 
DT  OP2   HOP2   sing N N 118 
DT  "O5'" "C5'"  sing N N 119 
DT  "C5'" "C4'"  sing N N 120 
DT  "C5'" "H5'"  sing N N 121 
DT  "C5'" "H5''" sing N N 122 
DT  "C4'" "O4'"  sing N N 123 
DT  "C4'" "C3'"  sing N N 124 
DT  "C4'" "H4'"  sing N N 125 
DT  "O4'" "C1'"  sing N N 126 
DT  "C3'" "O3'"  sing N N 127 
DT  "C3'" "C2'"  sing N N 128 
DT  "C3'" "H3'"  sing N N 129 
DT  "O3'" "HO3'" sing N N 130 
DT  "C2'" "C1'"  sing N N 131 
DT  "C2'" "H2'"  sing N N 132 
DT  "C2'" "H2''" sing N N 133 
DT  "C1'" N1     sing N N 134 
DT  "C1'" "H1'"  sing N N 135 
DT  N1    C2     sing N N 136 
DT  N1    C6     sing N N 137 
DT  C2    O2     doub N N 138 
DT  C2    N3     sing N N 139 
DT  N3    C4     sing N N 140 
DT  N3    H3     sing N N 141 
DT  C4    O4     doub N N 142 
DT  C4    C5     sing N N 143 
DT  C5    C7     sing N N 144 
DT  C5    C6     doub N N 145 
DT  C7    H71    sing N N 146 
DT  C7    H72    sing N N 147 
DT  C7    H73    sing N N 148 
DT  C6    H6     sing N N 149 
HOH O     H1     sing N N 150 
HOH O     H2     sing N N 151 
RKP C1    N2     sing Y N 152 
RKP C1    C5     doub Y N 153 
RKP C1    C10    sing Y N 154 
RKP N1    C10    sing Y N 155 
RKP N1    C12    doub Y N 156 
RKP C2    N2     doub Y N 157 
RKP C2    C3     sing Y N 158 
RKP C3    C4     doub Y N 159 
RKP N3    C6     sing Y N 160 
RKP N3    C15    doub Y N 161 
RKP C4    C5     sing Y N 162 
RKP N4    C7     sing Y N 163 
RKP N4    C13    doub Y N 164 
RKP C5    C6     sing Y N 165 
RKP N5    C19    sing Y N 166 
RKP N5    C20    doub Y N 167 
RKP C6    C7     doub Y N 168 
RKP C7    C8     sing Y N 169 
RKP C8    C9     sing Y N 170 
RKP C8    C10    doub Y N 171 
RKP N8    C26    sing Y N 172 
RKP N8    C28    doub Y N 173 
RKP C9    C11    doub Y N 174 
RKP N9    C29    sing Y N 175 
RKP N9    C30    doub Y N 176 
RKP C11   C12    sing Y N 177 
RKP N12   C36    sing Y N 178 
RKP N12   C38    doub Y N 179 
RKP C13   C14    sing Y N 180 
RKP C13   C15    sing Y N 181 
RKP C14   C18    doub Y N 182 
RKP C15   C16    sing Y N 183 
RKP C16   C17    doub Y N 184 
RKP C17   C18    sing Y N 185 
RKP C19   C22    doub Y N 186 
RKP C19   C26    sing Y N 187 
RKP C20   C21    sing Y N 188 
RKP C21   C41    doub Y N 189 
RKP C22   C23    sing Y N 190 
RKP C22   C41    sing Y N 191 
RKP C23   C24    doub Y N 192 
RKP C24   C25    sing Y N 193 
RKP C25   C26    doub Y N 194 
RKP C25   C42    sing Y N 195 
RKP C27   C28    sing Y N 196 
RKP C27   C42    doub Y N 197 
RKP C29   C32    doub Y N 198 
RKP C29   C36    sing Y N 199 
RKP C30   C31    sing Y N 200 
RKP C31   C43    doub Y N 201 
RKP C32   C33    sing Y N 202 
RKP C32   C43    sing Y N 203 
RKP C33   C34    doub Y N 204 
RKP C34   C35    sing Y N 205 
RKP C35   C36    doub Y N 206 
RKP C35   C44    sing Y N 207 
RKP C37   C38    sing Y N 208 
RKP C37   C44    doub Y N 209 
RKP C2    H2     sing N N 210 
RKP C3    H3     sing N N 211 
RKP C4    H4     sing N N 212 
RKP C9    H9     sing N N 213 
RKP C11   H11    sing N N 214 
RKP C12   H12    sing N N 215 
RKP C14   H14    sing N N 216 
RKP C16   H16    sing N N 217 
RKP C17   H17    sing N N 218 
RKP C18   H18    sing N N 219 
RKP C20   H20    sing N N 220 
RKP C21   H21    sing N N 221 
RKP C23   H23    sing N N 222 
RKP C24   H24    sing N N 223 
RKP C27   H27    sing N N 224 
RKP C28   H28    sing N N 225 
RKP C30   H30    sing N N 226 
RKP C31   H31    sing N N 227 
RKP C33   H33    sing N N 228 
RKP C34   H34    sing N N 229 
RKP C37   H37    sing N N 230 
RKP C38   H38    sing N N 231 
RKP C41   H41    sing N N 232 
RKP C42   H42    sing N N 233 
RKP C43   H43    sing N N 234 
RKP C44   H44    sing N N 235 
RKP RU    N1     sing N N 236 
RKP RU    N2     sing N N 237 
RKP RU    N5     sing N N 238 
RKP RU    N8     sing N N 239 
RKP RU    N9     sing N N 240 
RKP RU    N12    sing N N 241 
# 
_ndb_struct_conf_na.entry_id   4LY2 
_ndb_struct_conf_na.feature    'b-form double helix' 
# 
loop_
_ndb_struct_na_base_pair.model_number 
_ndb_struct_na_base_pair.i_label_asym_id 
_ndb_struct_na_base_pair.i_label_comp_id 
_ndb_struct_na_base_pair.i_label_seq_id 
_ndb_struct_na_base_pair.i_symmetry 
_ndb_struct_na_base_pair.j_label_asym_id 
_ndb_struct_na_base_pair.j_label_comp_id 
_ndb_struct_na_base_pair.j_label_seq_id 
_ndb_struct_na_base_pair.j_symmetry 
_ndb_struct_na_base_pair.shear 
_ndb_struct_na_base_pair.stretch 
_ndb_struct_na_base_pair.stagger 
_ndb_struct_na_base_pair.buckle 
_ndb_struct_na_base_pair.propeller 
_ndb_struct_na_base_pair.opening 
_ndb_struct_na_base_pair.pair_number 
_ndb_struct_na_base_pair.pair_name 
_ndb_struct_na_base_pair.i_auth_asym_id 
_ndb_struct_na_base_pair.i_auth_seq_id 
_ndb_struct_na_base_pair.i_PDB_ins_code 
_ndb_struct_na_base_pair.j_auth_asym_id 
_ndb_struct_na_base_pair.j_auth_seq_id 
_ndb_struct_na_base_pair.j_PDB_ins_code 
_ndb_struct_na_base_pair.hbond_type_28 
_ndb_struct_na_base_pair.hbond_type_12 
1 A DC 2 1_555 A DG 9 7_555 0.367  -0.143 0.047  -8.786 4.702  -0.600 1 A_DC2:DG9_A A 2 ? A 9 ? 19 1 
1 A DG 3 1_555 A DC 8 7_555 -0.082 -0.077 0.210  20.172 -8.305 -2.440 2 A_DG3:DC8_A A 3 ? A 8 ? 19 1 
1 A DG 4 1_555 A DC 7 7_555 -0.203 -0.133 -0.105 -8.579 5.924  -2.982 3 A_DG4:DC7_A A 4 ? A 7 ? 19 1 
1 A DT 5 1_555 A DA 6 7_555 0.200  -0.164 -0.116 17.348 12.671 4.168  4 A_DT5:DA6_A A 5 ? A 6 ? 20 1 
1 A DC 2 1_555 A DG 9 1_555 0.367  -0.143 0.047  -8.786 4.702  -0.600 5 A_DC2:DG9_A A 2 ? A 9 ? 19 1 
1 A DG 3 1_555 A DC 8 1_555 -0.082 -0.077 0.210  20.172 -8.305 -2.440 6 A_DG3:DC8_A A 3 ? A 8 ? 19 1 
1 A DG 4 1_555 A DC 7 1_555 -0.203 -0.133 -0.105 -8.579 5.924  -2.982 7 A_DG4:DC7_A A 4 ? A 7 ? 19 1 
1 A DT 5 1_555 A DA 6 1_555 0.200  -0.164 -0.116 17.348 12.671 4.168  8 A_DT5:DA6_A A 5 ? A 6 ? 20 1 
# 
loop_
_ndb_struct_na_base_pair_step.model_number 
_ndb_struct_na_base_pair_step.i_label_asym_id_1 
_ndb_struct_na_base_pair_step.i_label_comp_id_1 
_ndb_struct_na_base_pair_step.i_label_seq_id_1 
_ndb_struct_na_base_pair_step.i_symmetry_1 
_ndb_struct_na_base_pair_step.j_label_asym_id_1 
_ndb_struct_na_base_pair_step.j_label_comp_id_1 
_ndb_struct_na_base_pair_step.j_label_seq_id_1 
_ndb_struct_na_base_pair_step.j_symmetry_1 
_ndb_struct_na_base_pair_step.i_label_asym_id_2 
_ndb_struct_na_base_pair_step.i_label_comp_id_2 
_ndb_struct_na_base_pair_step.i_label_seq_id_2 
_ndb_struct_na_base_pair_step.i_symmetry_2 
_ndb_struct_na_base_pair_step.j_label_asym_id_2 
_ndb_struct_na_base_pair_step.j_label_comp_id_2 
_ndb_struct_na_base_pair_step.j_label_seq_id_2 
_ndb_struct_na_base_pair_step.j_symmetry_2 
_ndb_struct_na_base_pair_step.shift 
_ndb_struct_na_base_pair_step.slide 
_ndb_struct_na_base_pair_step.rise 
_ndb_struct_na_base_pair_step.tilt 
_ndb_struct_na_base_pair_step.roll 
_ndb_struct_na_base_pair_step.twist 
_ndb_struct_na_base_pair_step.x_displacement 
_ndb_struct_na_base_pair_step.y_displacement 
_ndb_struct_na_base_pair_step.helical_rise 
_ndb_struct_na_base_pair_step.inclination 
_ndb_struct_na_base_pair_step.tip 
_ndb_struct_na_base_pair_step.helical_twist 
_ndb_struct_na_base_pair_step.step_number 
_ndb_struct_na_base_pair_step.step_name 
_ndb_struct_na_base_pair_step.i_auth_asym_id_1 
_ndb_struct_na_base_pair_step.i_auth_seq_id_1 
_ndb_struct_na_base_pair_step.i_PDB_ins_code_1 
_ndb_struct_na_base_pair_step.j_auth_asym_id_1 
_ndb_struct_na_base_pair_step.j_auth_seq_id_1 
_ndb_struct_na_base_pair_step.j_PDB_ins_code_1 
_ndb_struct_na_base_pair_step.i_auth_asym_id_2 
_ndb_struct_na_base_pair_step.i_auth_seq_id_2 
_ndb_struct_na_base_pair_step.i_PDB_ins_code_2 
_ndb_struct_na_base_pair_step.j_auth_asym_id_2 
_ndb_struct_na_base_pair_step.j_auth_seq_id_2 
_ndb_struct_na_base_pair_step.j_PDB_ins_code_2 
1 A DC 2 1_555 A DG 9 7_555 A DG 3 1_555 A DC 8 7_555 -0.377 1.657  2.791 0.556  2.237  22.277 3.538  1.153  2.930 5.771  -1.435 
22.394 1 AA_DC2DG3:DC8DG9_AA A 2 ? A 9 ? A 3 ? A 8 ? 
1 A DG 3 1_555 A DC 8 7_555 A DG 4 1_555 A DC 7 7_555 0.026  0.762  5.016 -2.103 50.336 15.888 -5.097 -0.278 2.285 73.562 3.073  
52.669 2 AA_DG3DG4:DC7DC8_AA A 3 ? A 8 ? A 4 ? A 7 ? 
1 A DG 4 1_555 A DC 7 7_555 A DT 5 1_555 A DA 6 7_555 0.818  -0.053 2.748 -3.013 5.592  19.368 -2.209 -3.422 2.480 16.071 8.660  
20.374 3 AA_DG4DT5:DA6DC7_AA A 4 ? A 7 ? A 5 ? A 6 ? 
1 A DC 2 1_555 A DG 9 1_555 A DG 3 1_555 A DC 8 1_555 -0.377 1.657  2.791 0.556  2.237  22.277 3.538  1.153  2.930 5.771  -1.435 
22.394 4 AA_DC2DG3:DC8DG9_AA A 2 ? A 9 ? A 3 ? A 8 ? 
1 A DG 3 1_555 A DC 8 1_555 A DG 4 1_555 A DC 7 1_555 0.026  0.762  5.016 -2.103 50.336 15.888 -5.097 -0.278 2.285 73.562 3.073  
52.669 5 AA_DG3DG4:DC7DC8_AA A 3 ? A 8 ? A 4 ? A 7 ? 
1 A DG 4 1_555 A DC 7 1_555 A DT 5 1_555 A DA 6 1_555 0.818  -0.053 2.748 -3.013 5.592  19.368 -2.209 -3.422 2.480 16.071 8.660  
20.374 6 AA_DG4DT5:DA6DC7_AA A 4 ? A 7 ? A 5 ? A 6 ? 
# 
_atom_sites.entry_id                    4LY2 
_atom_sites.fract_transf_matrix[1][1]   0.00540218 
_atom_sites.fract_transf_matrix[1][2]   -0.00414293 
_atom_sites.fract_transf_matrix[1][3]   0.01780913 
_atom_sites.fract_transf_matrix[2][1]   0.01727891 
_atom_sites.fract_transf_matrix[2][2]   0.00723072 
_atom_sites.fract_transf_matrix[2][3]   -0.00355926 
_atom_sites.fract_transf_matrix[3][1]   -0.00962813 
_atom_sites.fract_transf_matrix[3][2]   0.02760678 
_atom_sites.fract_transf_matrix[3][3]   0.00934273 
_atom_sites.fract_transf_vector[1]      0.271143 
_atom_sites.fract_transf_vector[2]      0.212248 
_atom_sites.fract_transf_vector[3]      -0.051298 
# 
loop_
_atom_type.symbol 
BA 
C  
N  
O  
P  
RU 
# 
loop_
_atom_site.group_PDB 
_atom_site.id 
_atom_site.type_symbol 
_atom_site.label_atom_id 
_atom_site.label_alt_id 
_atom_site.label_comp_id 
_atom_site.label_asym_id 
_atom_site.label_entity_id 
_atom_site.label_seq_id 
_atom_site.pdbx_PDB_ins_code 
_atom_site.Cartn_x 
_atom_site.Cartn_y 
_atom_site.Cartn_z 
_atom_site.occupancy 
_atom_site.B_iso_or_equiv 
_atom_site.pdbx_formal_charge 
_atom_site.auth_seq_id 
_atom_site.auth_comp_id 
_atom_site.auth_asym_id 
_atom_site.auth_atom_id 
_atom_site.pdbx_PDB_model_num 
ATOM   1   O  "O5'" . DT  A 1 1  ? 3.636   14.415 13.280  1.00 110.51 ? 1   DT  A "O5'" 1 
ATOM   2   C  "C5'" . DT  A 1 1  ? 3.323   13.191 12.575  1.00 120.07 ? 1   DT  A "C5'" 1 
ATOM   3   C  "C4'" . DT  A 1 1  ? 3.468   11.983 13.478  1.00 129.03 ? 1   DT  A "C4'" 1 
ATOM   4   O  "O4'" . DT  A 1 1  ? 3.148   12.342 14.846  1.00 130.92 ? 1   DT  A "O4'" 1 
ATOM   5   C  "C3'" . DT  A 1 1  ? 2.577   10.773 13.154  1.00 118.53 ? 1   DT  A "C3'" 1 
ATOM   6   O  "O3'" . DT  A 1 1  ? 3.107   9.897  12.130  1.00 95.00  ? 1   DT  A "O3'" 1 
ATOM   7   C  "C2'" . DT  A 1 1  ? 2.385   10.130 14.519  1.00 111.37 ? 1   DT  A "C2'" 1 
ATOM   8   C  "C1'" . DT  A 1 1  ? 2.310   11.345 15.423  1.00 117.32 ? 1   DT  A "C1'" 1 
ATOM   9   N  N1    . DT  A 1 1  ? 0.944   11.883 15.492  1.00 108.85 ? 1   DT  A N1    1 
ATOM   10  C  C2    . DT  A 1 1  ? 0.153   11.410 16.510  1.00 85.68  ? 1   DT  A C2    1 
ATOM   11  O  O2    . DT  A 1 1  ? 0.555   10.614 17.345  1.00 83.55  ? 1   DT  A O2    1 
ATOM   12  N  N3    . DT  A 1 1  ? -1.130  11.905 16.513  1.00 71.46  ? 1   DT  A N3    1 
ATOM   13  C  C4    . DT  A 1 1  ? -1.678  12.803 15.620  1.00 72.76  ? 1   DT  A C4    1 
ATOM   14  O  O4    . DT  A 1 1  ? -2.834  13.166 15.758  1.00 67.91  ? 1   DT  A O4    1 
ATOM   15  C  C5    . DT  A 1 1  ? -0.791  13.257 14.574  1.00 81.70  ? 1   DT  A C5    1 
ATOM   16  C  C7    . DT  A 1 1  ? -1.302  14.226 13.557  1.00 82.34  ? 1   DT  A C7    1 
ATOM   17  C  C6    . DT  A 1 1  ? 0.454   12.767 14.551  1.00 95.88  ? 1   DT  A C6    1 
ATOM   18  P  P     . DC  A 1 2  ? 4.059   8.646  12.514  1.00 85.51  ? 2   DC  A P     1 
ATOM   19  O  OP1   . DC  A 1 2  ? 4.706   8.936  13.829  1.00 92.71  ? 2   DC  A OP1   1 
ATOM   20  O  OP2   . DC  A 1 2  ? 4.898   8.269  11.351  1.00 71.32  ? 2   DC  A OP2   1 
ATOM   21  O  "O5'" . DC  A 1 2  ? 3.030   7.445  12.636  1.00 66.02  ? 2   DC  A "O5'" 1 
ATOM   22  C  "C5'" . DC  A 1 2  ? 3.287   6.398  13.560  1.00 48.55  ? 2   DC  A "C5'" 1 
ATOM   23  C  "C4'" . DC  A 1 2  ? 2.298   5.304  13.290  1.00 41.44  ? 2   DC  A "C4'" 1 
ATOM   24  O  "O4'" . DC  A 1 2  ? 1.030   5.929  13.130  1.00 35.21  ? 2   DC  A "O4'" 1 
ATOM   25  C  "C3'" . DC  A 1 2  ? 2.558   4.564  11.994  1.00 37.26  ? 2   DC  A "C3'" 1 
ATOM   26  O  "O3'" . DC  A 1 2  ? 3.391   3.450  12.343  1.00 39.17  ? 2   DC  A "O3'" 1 
ATOM   27  C  "C2'" . DC  A 1 2  ? 1.169   4.218  11.502  1.00 35.94  ? 2   DC  A "C2'" 1 
ATOM   28  C  "C1'" . DC  A 1 2  ? 0.248   5.185  12.220  1.00 35.19  ? 2   DC  A "C1'" 1 
ATOM   29  N  N1    . DC  A 1 2  ? -0.414  6.158  11.370  1.00 33.32  ? 2   DC  A N1    1 
ATOM   30  C  C2    . DC  A 1 2  ? -1.794  6.347  11.502  1.00 35.08  ? 2   DC  A C2    1 
ATOM   31  O  O2    . DC  A 1 2  ? -2.432  5.618  12.289  1.00 32.71  ? 2   DC  A O2    1 
ATOM   32  N  N3    . DC  A 1 2  ? -2.397  7.312  10.768  1.00 32.41  ? 2   DC  A N3    1 
ATOM   33  C  C4    . DC  A 1 2  ? -1.663  8.110  9.988   1.00 31.34  ? 2   DC  A C4    1 
ATOM   34  N  N4    . DC  A 1 2  ? -2.288  9.061  9.306   1.00 33.01  ? 2   DC  A N4    1 
ATOM   35  C  C5    . DC  A 1 2  ? -0.254  7.961  9.868   1.00 32.09  ? 2   DC  A C5    1 
ATOM   36  C  C6    . DC  A 1 2  ? 0.328   6.999  10.591  1.00 33.04  ? 2   DC  A C6    1 
ATOM   37  P  P     . DG  A 1 3  ? 3.892   2.460  11.262  1.00 39.54  ? 3   DG  A P     1 
ATOM   38  O  OP1   . DG  A 1 3  ? 4.959   1.654  11.837  1.00 48.57  ? 3   DG  A OP1   1 
ATOM   39  O  OP2   . DG  A 1 3  ? 4.097   3.205  9.994   1.00 47.00  ? 3   DG  A OP2   1 
ATOM   40  O  "O5'" . DG  A 1 3  ? 2.691   1.430  11.133  1.00 39.25  ? 3   DG  A "O5'" 1 
ATOM   41  C  "C5'" . DG  A 1 3  ? 2.383   0.505  12.194  1.00 37.13  ? 3   DG  A "C5'" 1 
ATOM   42  C  "C4'" . DG  A 1 3  ? 1.039   -0.147 11.966  1.00 35.35  ? 3   DG  A "C4'" 1 
ATOM   43  O  "O4'" . DG  A 1 3  ? 0.008   0.852  11.910  1.00 35.26  ? 3   DG  A "O4'" 1 
ATOM   44  C  "C3'" . DG  A 1 3  ? 0.927   -0.880 10.643  1.00 37.34  ? 3   DG  A "C3'" 1 
ATOM   45  O  "O3'" . DG  A 1 3  ? 1.336   -2.223 10.868  1.00 44.11  ? 3   DG  A "O3'" 1 
ATOM   46  C  "C2'" . DG  A 1 3  ? -0.553  -0.779 10.321  1.00 33.30  ? 3   DG  A "C2'" 1 
ATOM   47  C  "C1'" . DG  A 1 3  ? -0.944  0.548  10.909  1.00 30.24  ? 3   DG  A "C1'" 1 
ATOM   48  N  N9    . DG  A 1 3  ? -0.986  1.674  10.000  1.00 27.77  ? 3   DG  A N9    1 
ATOM   49  C  C8    . DG  A 1 3  ? 0.003   2.150  9.183   1.00 28.89  ? 3   DG  A C8    1 
ATOM   50  N  N7    . DG  A 1 3  ? -0.344  3.229  8.539   1.00 30.12  ? 3   DG  A N7    1 
ATOM   51  C  C5    . DG  A 1 3  ? -1.621  3.504  9.006   1.00 29.49  ? 3   DG  A C5    1 
ATOM   52  C  C6    . DG  A 1 3  ? -2.530  4.542  8.661   1.00 29.52  ? 3   DG  A C6    1 
ATOM   53  O  O6    . DG  A 1 3  ? -2.367  5.489  7.886   1.00 26.51  ? 3   DG  A O6    1 
ATOM   54  N  N1    . DG  A 1 3  ? -3.700  4.454  9.398   1.00 28.46  ? 3   DG  A N1    1 
ATOM   55  C  C2    . DG  A 1 3  ? -4.009  3.439  10.264  1.00 29.50  ? 3   DG  A C2    1 
ATOM   56  N  N2    . DG  A 1 3  ? -5.214  3.491  10.835  1.00 32.93  ? 3   DG  A N2    1 
ATOM   57  N  N3    . DG  A 1 3  ? -3.176  2.478  10.597  1.00 32.03  ? 3   DG  A N3    1 
ATOM   58  C  C4    . DG  A 1 3  ? -2.023  2.552  9.909   1.00 28.98  ? 3   DG  A C4    1 
ATOM   59  P  P     . DG  A 1 4  ? 2.170   -2.971 9.766   1.00 46.25  ? 4   DG  A P     1 
ATOM   60  O  OP1   . DG  A 1 4  ? 2.465   -4.318 10.262  1.00 49.60  ? 4   DG  A OP1   1 
ATOM   61  O  OP2   . DG  A 1 4  ? 3.240   -2.066 9.346   1.00 45.27  ? 4   DG  A OP2   1 
ATOM   62  O  "O5'" . DG  A 1 4  ? 1.105   -3.133 8.595   1.00 42.75  ? 4   DG  A "O5'" 1 
ATOM   63  C  "C5'" . DG  A 1 4  ? -0.139  -3.819 8.836   1.00 39.81  ? 4   DG  A "C5'" 1 
ATOM   64  C  "C4'" . DG  A 1 4  ? -0.921  -3.955 7.553   1.00 35.66  ? 4   DG  A "C4'" 1 
ATOM   65  O  "O4'" . DG  A 1 4  ? -1.406  -2.668 7.135   1.00 35.41  ? 4   DG  A "O4'" 1 
ATOM   66  C  "C3'" . DG  A 1 4  ? -0.106  -4.475 6.385   1.00 33.94  ? 4   DG  A "C3'" 1 
ATOM   67  O  "O3'" . DG  A 1 4  ? -0.982  -5.355 5.689   1.00 39.69  ? 4   DG  A "O3'" 1 
ATOM   68  C  "C2'" . DG  A 1 4  ? 0.261   -3.217 5.629   1.00 31.95  ? 4   DG  A "C2'" 1 
ATOM   69  C  "C1'" . DG  A 1 4  ? -0.967  -2.388 5.831   1.00 30.74  ? 4   DG  A "C1'" 1 
ATOM   70  N  N9    . DG  A 1 4  ? -0.744  -0.969 5.787   1.00 28.78  ? 4   DG  A N9    1 
ATOM   71  C  C8    . DG  A 1 4  ? 0.309   -0.295 6.339   1.00 26.30  ? 4   DG  A C8    1 
ATOM   72  N  N7    . DG  A 1 4  ? 0.203   0.998  6.219   1.00 30.85  ? 4   DG  A N7    1 
ATOM   73  C  C5    . DG  A 1 4  ? -0.998  1.180  5.550   1.00 28.36  ? 4   DG  A C5    1 
ATOM   74  C  C6    . DG  A 1 4  ? -1.641  2.364  5.149   1.00 28.23  ? 4   DG  A C6    1 
ATOM   75  O  O6    . DG  A 1 4  ? -1.265  3.525  5.306   1.00 29.19  ? 4   DG  A O6    1 
ATOM   76  N  N1    . DG  A 1 4  ? -2.867  2.107  4.555   1.00 25.96  ? 4   DG  A N1    1 
ATOM   77  C  C2    . DG  A 1 4  ? -3.374  0.862  4.322   1.00 27.21  ? 4   DG  A C2    1 
ATOM   78  N  N2    . DG  A 1 4  ? -4.557  0.817  3.710   1.00 28.10  ? 4   DG  A N2    1 
ATOM   79  N  N3    . DG  A 1 4  ? -2.770  -0.259 4.676   1.00 29.49  ? 4   DG  A N3    1 
ATOM   80  C  C4    . DG  A 1 4  ? -1.623  -0.021 5.337   1.00 26.83  ? 4   DG  A C4    1 
ATOM   81  P  P     . DT  A 1 5  ? -0.408  -6.346 4.562   1.00 43.65  ? 5   DT  A P     1 
ATOM   82  O  OP1   . DT  A 1 5  ? -1.302  -7.477 4.492   1.00 40.41  ? 5   DT  A OP1   1 
ATOM   83  O  OP2   . DT  A 1 5  ? 1.082   -6.524 4.784   1.00 48.92  ? 5   DT  A OP2   1 
ATOM   84  O  "O5'" . DT  A 1 5  ? -0.567  -5.510 3.210   1.00 41.63  ? 5   DT  A "O5'" 1 
ATOM   85  C  "C5'" . DT  A 1 5  ? -1.834  -5.043 2.708   1.00 35.49  ? 5   DT  A "C5'" 1 
ATOM   86  C  "C4'" . DT  A 1 5  ? -1.587  -3.992 1.652   1.00 33.16  ? 5   DT  A "C4'" 1 
ATOM   87  O  "O4'" . DT  A 1 5  ? -1.219  -2.786 2.322   1.00 32.81  ? 5   DT  A "O4'" 1 
ATOM   88  C  "C3'" . DT  A 1 5  ? -0.431  -4.263 0.684   1.00 35.66  ? 5   DT  A "C3'" 1 
ATOM   89  O  "O3'" . DT  A 1 5  ? -0.864  -4.222 -0.670  1.00 42.71  ? 5   DT  A "O3'" 1 
ATOM   90  C  "C2'" . DT  A 1 5  ? 0.513   -3.094 0.894   1.00 34.33  ? 5   DT  A "C2'" 1 
ATOM   91  C  "C1'" . DT  A 1 5  ? -0.470  -2.088 1.392   1.00 34.08  ? 5   DT  A "C1'" 1 
ATOM   92  N  N1    . DT  A 1 5  ? 0.055   -0.890 2.027   1.00 33.16  ? 5   DT  A N1    1 
ATOM   93  C  C2    . DT  A 1 5  ? -0.664  0.264  1.831   1.00 30.20  ? 5   DT  A C2    1 
ATOM   94  O  O2    . DT  A 1 5  ? -1.707  0.298  1.197   1.00 33.27  ? 5   DT  A O2    1 
ATOM   95  N  N3    . DT  A 1 5  ? -0.109  1.382  2.392   1.00 34.27  ? 5   DT  A N3    1 
ATOM   96  C  C4    . DT  A 1 5  ? 1.074   1.458  3.107   1.00 32.00  ? 5   DT  A C4    1 
ATOM   97  O  O4    . DT  A 1 5  ? 1.450   2.543  3.551   1.00 34.79  ? 5   DT  A O4    1 
ATOM   98  C  C5    . DT  A 1 5  ? 1.766   0.202  3.284   1.00 29.86  ? 5   DT  A C5    1 
ATOM   99  C  C7    . DT  A 1 5  ? 3.046   0.176  4.053   1.00 31.34  ? 5   DT  A C7    1 
ATOM   100 C  C6    . DT  A 1 5  ? 1.237   -0.890 2.730   1.00 29.88  ? 5   DT  A C6    1 
ATOM   101 P  P     . DA  A 1 6  ? -0.785  -5.537 -1.608  1.00 42.30  ? 6   DA  A P     1 
ATOM   102 O  OP1   . DA  A 1 6  ? -1.851  -6.433 -1.190  1.00 45.47  ? 6   DA  A OP1   1 
ATOM   103 O  OP2   . DA  A 1 6  ? 0.622   -6.024 -1.680  1.00 41.85  ? 6   DA  A OP2   1 
ATOM   104 O  "O5'" . DA  A 1 6  ? -1.108  -4.962 -3.056  1.00 44.69  ? 6   DA  A "O5'" 1 
ATOM   105 C  "C5'" . DA  A 1 6  ? -2.397  -4.476 -3.446  1.00 40.53  ? 6   DA  A "C5'" 1 
ATOM   106 C  "C4'" . DA  A 1 6  ? -2.264  -3.955 -4.851  1.00 36.13  ? 6   DA  A "C4'" 1 
ATOM   107 O  "O4'" . DA  A 1 6  ? -1.425  -2.779 -4.781  1.00 36.86  ? 6   DA  A "O4'" 1 
ATOM   108 C  "C3'" . DA  A 1 6  ? -1.603  -4.904 -5.855  1.00 36.60  ? 6   DA  A "C3'" 1 
ATOM   109 O  "O3'" . DA  A 1 6  ? -2.287  -4.724 -7.100  1.00 44.87  ? 6   DA  A "O3'" 1 
ATOM   110 C  "C2'" . DA  A 1 6  ? -0.186  -4.376 -5.996  1.00 35.80  ? 6   DA  A "C2'" 1 
ATOM   111 C  "C1'" . DA  A 1 6  ? -0.287  -2.899 -5.618  1.00 33.51  ? 6   DA  A "C1'" 1 
ATOM   112 N  N9    . DA  A 1 6  ? 0.849   -2.379 -4.869  1.00 33.23  ? 6   DA  A N9    1 
ATOM   113 C  C8    . DA  A 1 6  ? 1.644   -3.078 -3.994  1.00 36.91  ? 6   DA  A C8    1 
ATOM   114 N  N7    . DA  A 1 6  ? 2.555   -2.339 -3.402  1.00 35.31  ? 6   DA  A N7    1 
ATOM   115 C  C5    . DA  A 1 6  ? 2.340   -1.070 -3.915  1.00 31.06  ? 6   DA  A C5    1 
ATOM   116 C  C6    . DA  A 1 6  ? 2.967   0.161  -3.678  1.00 30.67  ? 6   DA  A C6    1 
ATOM   117 N  N6    . DA  A 1 6  ? 4.003   0.314  -2.853  1.00 31.34  ? 6   DA  A N6    1 
ATOM   118 N  N1    . DA  A 1 6  ? 2.478   1.249  -4.308  1.00 29.94  ? 6   DA  A N1    1 
ATOM   119 C  C2    . DA  A 1 6  ? 1.422   1.100  -5.116  1.00 28.24  ? 6   DA  A C2    1 
ATOM   120 N  N3    . DA  A 1 6  ? 0.754   -0.008 -5.431  1.00 30.73  ? 6   DA  A N3    1 
ATOM   121 C  C4    . DA  A 1 6  ? 1.269   -1.071 -4.794  1.00 32.41  ? 6   DA  A C4    1 
ATOM   122 P  P     . DC  A 1 7  ? -2.047  -5.680 -8.389  1.00 50.73  ? 7   DC  A P     1 
ATOM   123 O  OP1   . DC  A 1 7  ? -3.381  -5.870 -9.010  1.00 51.75  ? 7   DC  A OP1   1 
ATOM   124 O  OP2   . DC  A 1 7  ? -1.176  -6.820 -8.041  1.00 42.38  ? 7   DC  A OP2   1 
ATOM   125 O  "O5'" . DC  A 1 7  ? -1.130  -4.798 -9.352  1.00 46.90  ? 7   DC  A "O5'" 1 
ATOM   126 C  "C5'" . DC  A 1 7  ? -1.696  -3.792 -10.200 1.00 41.93  ? 7   DC  A "C5'" 1 
ATOM   127 C  "C4'" . DC  A 1 7  ? -0.631  -2.806 -10.617 1.00 43.62  ? 7   DC  A "C4'" 1 
ATOM   128 O  "O4'" . DC  A 1 7  ? 0.006   -2.184 -9.490  1.00 42.06  ? 7   DC  A "O4'" 1 
ATOM   129 C  "C3'" . DC  A 1 7  ? 0.535   -3.412 -11.363 1.00 43.56  ? 7   DC  A "C3'" 1 
ATOM   130 O  "O3'" . DC  A 1 7  ? 0.116   -3.738 -12.685 1.00 43.14  ? 7   DC  A "O3'" 1 
ATOM   131 C  "C2'" . DC  A 1 7  ? 1.589   -2.325 -11.235 1.00 39.06  ? 7   DC  A "C2'" 1 
ATOM   132 C  "C1'" . DC  A 1 7  ? 1.133   -1.505 -10.022 1.00 40.05  ? 7   DC  A "C1'" 1 
ATOM   133 N  N1    . DC  A 1 7  ? 2.142   -1.355 -8.949  1.00 33.35  ? 7   DC  A N1    1 
ATOM   134 C  C2    . DC  A 1 7  ? 2.468   -0.076 -8.496  1.00 31.47  ? 7   DC  A C2    1 
ATOM   135 O  O2    . DC  A 1 7  ? 1.914   0.906  -9.019  1.00 31.21  ? 7   DC  A O2    1 
ATOM   136 N  N3    . DC  A 1 7  ? 3.396   0.062  -7.517  1.00 29.14  ? 7   DC  A N3    1 
ATOM   137 C  C4    . DC  A 1 7  ? 3.981   -1.015 -6.999  1.00 30.00  ? 7   DC  A C4    1 
ATOM   138 N  N4    . DC  A 1 7  ? 4.887   -0.836 -6.044  1.00 30.51  ? 7   DC  A N4    1 
ATOM   139 C  C5    . DC  A 1 7  ? 3.637   -2.331 -7.415  1.00 31.59  ? 7   DC  A C5    1 
ATOM   140 C  C6    . DC  A 1 7  ? 2.730   -2.453 -8.391  1.00 32.09  ? 7   DC  A C6    1 
ATOM   141 P  P     . DC  A 1 8  ? 0.850   -4.881 -13.493 1.00 43.12  ? 8   DC  A P     1 
ATOM   142 O  OP1   . DC  A 1 8  ? 0.012   -5.196 -14.653 1.00 56.69  ? 8   DC  A OP1   1 
ATOM   143 O  OP2   . DC  A 1 8  ? 1.278   -5.934 -12.593 1.00 44.12  ? 8   DC  A OP2   1 
ATOM   144 O  "O5'" . DC  A 1 8  ? 2.203   -4.170 -13.940 1.00 43.35  ? 8   DC  A "O5'" 1 
ATOM   145 C  "C5'" . DC  A 1 8  ? 2.209   -2.979 -14.760 1.00 41.56  ? 8   DC  A "C5'" 1 
ATOM   146 C  "C4'" . DC  A 1 8  ? 3.619   -2.523 -15.051 1.00 37.21  ? 8   DC  A "C4'" 1 
ATOM   147 O  "O4'" . DC  A 1 8  ? 4.139   -1.905 -13.875 1.00 35.23  ? 8   DC  A "O4'" 1 
ATOM   148 C  "C3'" . DC  A 1 8  ? 4.592   -3.653 -15.333 1.00 39.27  ? 8   DC  A "C3'" 1 
ATOM   149 O  "O3'" . DC  A 1 8  ? 4.650   -3.854 -16.734 1.00 41.83  ? 8   DC  A "O3'" 1 
ATOM   150 C  "C2'" . DC  A 1 8  ? 5.915   -3.131 -14.801 1.00 38.41  ? 8   DC  A "C2'" 1 
ATOM   151 C  "C1'" . DC  A 1 8  ? 5.542   -1.990 -13.886 1.00 34.75  ? 8   DC  A "C1'" 1 
ATOM   152 N  N1    . DC  A 1 8  ? 5.953   -2.150 -12.507 1.00 31.28  ? 8   DC  A N1    1 
ATOM   153 C  C2    . DC  A 1 8  ? 6.744   -1.160 -11.924 1.00 30.50  ? 8   DC  A C2    1 
ATOM   154 O  O2    . DC  A 1 8  ? 7.149   -0.228 -12.627 1.00 31.40  ? 8   DC  A O2    1 
ATOM   155 N  N3    . DC  A 1 8  ? 7.067   -1.256 -10.619 1.00 29.41  ? 8   DC  A N3    1 
ATOM   156 C  C4    . DC  A 1 8  ? 6.608   -2.273 -9.895  1.00 31.44  ? 8   DC  A C4    1 
ATOM   157 N  N4    . DC  A 1 8  ? 6.931   -2.311 -8.602  1.00 33.89  ? 8   DC  A N4    1 
ATOM   158 C  C5    . DC  A 1 8  ? 5.768   -3.279 -10.456 1.00 33.26  ? 8   DC  A C5    1 
ATOM   159 C  C6    . DC  A 1 8  ? 5.436   -3.153 -11.746 1.00 30.86  ? 8   DC  A C6    1 
ATOM   160 P  P     . DG  A 1 9  ? 5.363   -5.128 -17.319 1.00 40.16  ? 9   DG  A P     1 
ATOM   161 O  OP1   . DG  A 1 9  ? 4.816   -5.322 -18.679 1.00 48.39  ? 9   DG  A OP1   1 
ATOM   162 O  OP2   . DG  A 1 9  ? 5.323   -6.205 -16.315 1.00 41.87  ? 9   DG  A OP2   1 
ATOM   163 O  "O5'" . DG  A 1 9  ? 6.869   -4.667 -17.407 1.00 39.77  ? 9   DG  A "O5'" 1 
ATOM   164 C  "C5'" . DG  A 1 9  ? 7.187   -3.656 -18.352 1.00 41.61  ? 9   DG  A "C5'" 1 
ATOM   165 C  "C4'" . DG  A 1 9  ? 8.592   -3.206 -18.069 1.00 45.96  ? 9   DG  A "C4'" 1 
ATOM   166 O  "O4'" . DG  A 1 9  ? 8.606   -2.833 -16.685 1.00 42.54  ? 9   DG  A "O4'" 1 
ATOM   167 C  "C3'" . DG  A 1 9  ? 9.605   -4.334 -18.213 1.00 47.14  ? 9   DG  A "C3'" 1 
ATOM   168 O  "O3'" . DG  A 1 9  ? 10.520  -4.097 -19.278 1.00 58.60  ? 9   DG  A "O3'" 1 
ATOM   169 C  "C2'" . DG  A 1 9  ? 10.397  -4.314 -16.928 1.00 42.89  ? 9   DG  A "C2'" 1 
ATOM   170 C  "C1'" . DG  A 1 9  ? 9.813   -3.205 -16.101 1.00 38.68  ? 9   DG  A "C1'" 1 
ATOM   171 N  N9    . DG  A 1 9  ? 9.509   -3.668 -14.770 1.00 34.54  ? 9   DG  A N9    1 
ATOM   172 C  C8    . DG  A 1 9  ? 8.832   -4.805 -14.403 1.00 31.07  ? 9   DG  A C8    1 
ATOM   173 N  N7    . DG  A 1 9  ? 8.710   -4.929 -13.111 1.00 36.40  ? 9   DG  A N7    1 
ATOM   174 C  C5    . DG  A 1 9  ? 9.337   -3.801 -12.600 1.00 32.52  ? 9   DG  A C5    1 
ATOM   175 C  C6    . DG  A 1 9  ? 9.546   -3.398 -11.268 1.00 33.10  ? 9   DG  A C6    1 
ATOM   176 O  O6    . DG  A 1 9  ? 9.193   -3.965 -10.234 1.00 35.86  ? 9   DG  A O6    1 
ATOM   177 N  N1    . DG  A 1 9  ? 10.204  -2.176 -11.200 1.00 28.83  ? 9   DG  A N1    1 
ATOM   178 C  C2    . DG  A 1 9  ? 10.660  -1.466 -12.277 1.00 29.51  ? 9   DG  A C2    1 
ATOM   179 N  N2    . DG  A 1 9  ? 11.303  -0.328 -12.008 1.00 30.51  ? 9   DG  A N2    1 
ATOM   180 N  N3    . DG  A 1 9  ? 10.478  -1.835 -13.529 1.00 34.20  ? 9   DG  A N3    1 
ATOM   181 C  C4    . DG  A 1 9  ? 9.817   -3.007 -13.615 1.00 34.46  ? 9   DG  A C4    1 
ATOM   182 P  P     . DA  A 1 10 ? 11.532  -5.250 -19.686 1.00 69.49  ? 10  DA  A P     1 
ATOM   183 O  OP1   . DA  A 1 10 ? 11.765  -5.149 -21.150 1.00 88.84  ? 10  DA  A OP1   1 
ATOM   184 O  OP2   . DA  A 1 10 ? 11.015  -6.560 -19.150 1.00 56.24  ? 10  DA  A OP2   1 
ATOM   185 O  "O5'" . DA  A 1 10 ? 12.865  -4.712 -18.989 1.00 67.94  ? 10  DA  A "O5'" 1 
ATOM   186 C  "C5'" . DA  A 1 10 ? 13.956  -5.595 -18.683 1.00 55.27  ? 10  DA  A "C5'" 1 
ATOM   187 C  "C4'" . DA  A 1 10 ? 15.261  -4.837 -18.627 1.00 45.26  ? 10  DA  A "C4'" 1 
ATOM   188 O  "O4'" . DA  A 1 10 ? 15.306  -4.071 -17.402 1.00 46.59  ? 10  DA  A "O4'" 1 
ATOM   189 C  "C3'" . DA  A 1 10 ? 16.521  -5.710 -18.614 1.00 42.67  ? 10  DA  A "C3'" 1 
ATOM   190 O  "O3'" . DA  A 1 10 ? 17.171  -5.748 -19.879 1.00 47.33  ? 10  DA  A "O3'" 1 
ATOM   191 C  "C2'" . DA  A 1 10 ? 17.385  -5.045 -17.562 1.00 43.47  ? 10  DA  A "C2'" 1 
ATOM   192 C  "C1'" . DA  A 1 10 ? 16.315  -4.642 -16.586 1.00 47.59  ? 10  DA  A "C1'" 1 
ATOM   193 N  N9    . DA  A 1 10 ? 15.741  -5.816 -15.918 1.00 50.77  ? 10  DA  A N9    1 
ATOM   194 C  C8    . DA  A 1 10 ? 15.160  -6.938 -16.472 1.00 48.93  ? 10  DA  A C8    1 
ATOM   195 N  N7    . DA  A 1 10 ? 14.770  -7.822 -15.591 1.00 46.23  ? 10  DA  A N7    1 
ATOM   196 C  C5    . DA  A 1 10 ? 15.121  -7.251 -14.380 1.00 45.03  ? 10  DA  A C5    1 
ATOM   197 C  C6    . DA  A 1 10 ? 14.966  -7.686 -13.078 1.00 42.70  ? 10  DA  A C6    1 
ATOM   198 N  N6    . DA  A 1 10 ? 14.407  -8.854 -12.761 1.00 50.74  ? 10  DA  A N6    1 
ATOM   199 N  N1    . DA  A 1 10 ? 15.415  -6.882 -12.092 1.00 47.31  ? 10  DA  A N1    1 
ATOM   200 C  C2    . DA  A 1 10 ? 15.991  -5.709 -12.424 1.00 42.26  ? 10  DA  A C2    1 
ATOM   201 N  N3    . DA  A 1 10 ? 16.196  -5.192 -13.620 1.00 37.33  ? 10  DA  A N3    1 
ATOM   202 C  C4    . DA  A 1 10 ? 15.730  -6.021 -14.568 1.00 42.06  ? 10  DA  A C4    1 
HETATM 203 RU RU    . RKP B 2 .  ? -8.592  -1.255 6.445   1.00 31.79  ? 101 RKP A RU    1 
HETATM 204 C  C1    . RKP B 2 .  ? -10.558 -0.753 8.378   1.00 31.17  ? 101 RKP A C1    1 
HETATM 205 N  N1    . RKP B 2 .  ? -10.522 -1.325 6.082   1.00 29.47  ? 101 RKP A N1    1 
HETATM 206 C  C2    . RKP B 2 .  ? -8.456  -0.920 9.530   1.00 34.82  ? 101 RKP A C2    1 
HETATM 207 N  N2    . RKP B 2 .  ? -9.199  -1.128 8.315   1.00 31.90  ? 101 RKP A N2    1 
HETATM 208 C  C3    . RKP B 2 .  ? -9.126  -0.617 10.731  1.00 30.80  ? 101 RKP A C3    1 
HETATM 209 N  N3    . RKP B 2 .  ? -13.033 0.187  10.669  1.00 33.22  ? 101 RKP A N3    1 
HETATM 210 C  C4    . RKP B 2 .  ? -10.471 -0.375 10.716  1.00 29.64  ? 101 RKP A C4    1 
HETATM 211 N  N4    . RKP B 2 .  ? -14.576 0.028  8.439   1.00 33.98  ? 101 RKP A N4    1 
HETATM 212 C  C5    . RKP B 2 .  ? -11.169 -0.439 9.553   1.00 29.06  ? 101 RKP A C5    1 
HETATM 213 N  N5    . RKP B 2 .  ? -8.689  -3.219 6.362   1.00 30.95  ? 101 RKP A N5    1 
HETATM 214 C  C6    . RKP B 2 .  ? -12.495 -0.172 9.529   1.00 30.48  ? 101 RKP A C6    1 
HETATM 215 C  C7    . RKP B 2 .  ? -13.240 -0.250 8.388   1.00 31.45  ? 101 RKP A C7    1 
HETATM 216 C  C8    . RKP B 2 .  ? -12.613 -0.600 7.203   1.00 27.76  ? 101 RKP A C8    1 
HETATM 217 N  N8    . RKP B 2 .  ? -8.113  -1.429 4.598   1.00 35.20  ? 101 RKP A N8    1 
HETATM 218 C  C9    . RKP B 2 .  ? -13.295 -0.707 6.045   1.00 24.95  ? 101 RKP A C9    1 
HETATM 219 N  N9    . RKP B 2 .  ? -8.407  0.725  6.511   1.00 31.45  ? 101 RKP A N9    1 
HETATM 220 C  C10   . RKP B 2 .  ? -11.273 -0.855 7.192   1.00 28.12  ? 101 RKP A C10   1 
HETATM 221 C  C11   . RKP B 2 .  ? -12.628 -1.050 4.905   1.00 25.95  ? 101 RKP A C11   1 
HETATM 222 C  C12   . RKP B 2 .  ? -11.253 -1.264 4.922   1.00 28.52  ? 101 RKP A C12   1 
HETATM 223 N  N12   . RKP B 2 .  ? -6.628  -1.111 6.917   1.00 31.68  ? 101 RKP A N12   1 
HETATM 224 C  C13   . RKP B 2 .  ? -15.113 0.398  9.587   1.00 34.28  ? 101 RKP A C13   1 
HETATM 225 C  C14   . RKP B 2 .  ? -16.463 0.735  9.651   1.00 40.87  ? 101 RKP A C14   1 
HETATM 226 C  C15   . RKP B 2 .  ? -14.326 0.460  10.732  1.00 34.94  ? 101 RKP A C15   1 
HETATM 227 C  C16   . RKP B 2 .  ? -14.853 0.863  11.958  1.00 35.13  ? 101 RKP A C16   1 
HETATM 228 C  C17   . RKP B 2 .  ? -16.210 1.148  12.024  1.00 40.40  ? 101 RKP A C17   1 
HETATM 229 C  C18   . RKP B 2 .  ? -17.041 1.102  10.880  1.00 39.83  ? 101 RKP A C18   1 
HETATM 230 C  C19   . RKP B 2 .  ? -8.110  -3.718 5.220   1.00 36.31  ? 101 RKP A C19   1 
HETATM 231 C  C20   . RKP B 2 .  ? -8.742  -4.154 7.427   1.00 30.62  ? 101 RKP A C20   1 
HETATM 232 C  C21   . RKP B 2 .  ? -8.613  -5.481 7.170   1.00 30.26  ? 101 RKP A C21   1 
HETATM 233 C  C22   . RKP B 2 .  ? -7.951  -5.067 4.934   1.00 32.42  ? 101 RKP A C22   1 
HETATM 234 C  C23   . RKP B 2 .  ? -7.534  -5.513 3.678   1.00 32.32  ? 101 RKP A C23   1 
HETATM 235 C  C24   . RKP B 2 .  ? -7.318  -4.561 2.712   1.00 33.57  ? 101 RKP A C24   1 
HETATM 236 C  C25   . RKP B 2 .  ? -7.492  -3.168 2.994   1.00 33.84  ? 101 RKP A C25   1 
HETATM 237 C  C26   . RKP B 2 .  ? -7.909  -2.729 4.254   1.00 35.14  ? 101 RKP A C26   1 
HETATM 238 C  C27   . RKP B 2 .  ? -7.512  -0.883 2.386   1.00 30.16  ? 101 RKP A C27   1 
HETATM 239 C  C28   . RKP B 2 .  ? -7.960  -0.501 3.649   1.00 31.14  ? 101 RKP A C28   1 
HETATM 240 C  C29   . RKP B 2 .  ? -7.036  1.129  6.615   1.00 31.72  ? 101 RKP A C29   1 
HETATM 241 C  C30   . RKP B 2 .  ? -9.217  1.685  5.971   1.00 32.00  ? 101 RKP A C30   1 
HETATM 242 C  C31   . RKP B 2 .  ? -8.834  2.999  6.062   1.00 28.89  ? 101 RKP A C31   1 
HETATM 243 C  C32   . RKP B 2 .  ? -6.655  2.436  6.674   1.00 30.11  ? 101 RKP A C32   1 
HETATM 244 C  C33   . RKP B 2 .  ? -5.333  2.797  6.970   1.00 30.26  ? 101 RKP A C33   1 
HETATM 245 C  C34   . RKP B 2 .  ? -4.421  1.820  7.313   1.00 28.82  ? 101 RKP A C34   1 
HETATM 246 C  C35   . RKP B 2 .  ? -4.831  0.496  7.318   1.00 31.70  ? 101 RKP A C35   1 
HETATM 247 C  C36   . RKP B 2 .  ? -6.130  0.145  6.984   1.00 29.54  ? 101 RKP A C36   1 
HETATM 248 C  C37   . RKP B 2 .  ? -4.431  -1.825 7.622   1.00 32.92  ? 101 RKP A C37   1 
HETATM 249 C  C38   . RKP B 2 .  ? -5.764  -2.084 7.262   1.00 32.83  ? 101 RKP A C38   1 
HETATM 250 C  C41   . RKP B 2 .  ? -8.201  -5.942 5.948   1.00 33.60  ? 101 RKP A C41   1 
HETATM 251 C  C42   . RKP B 2 .  ? -7.306  -2.193 2.047   1.00 29.82  ? 101 RKP A C42   1 
HETATM 252 C  C43   . RKP B 2 .  ? -7.563  3.363  6.332   1.00 28.93  ? 101 RKP A C43   1 
HETATM 253 C  C44   . RKP B 2 .  ? -3.952  -0.524 7.661   1.00 32.68  ? 101 RKP A C44   1 
HETATM 254 RU RU    . RKP C 2 .  ? -3.431  2.106  -3.544  0.50 31.10  ? 102 RKP A RU    1 
HETATM 255 C  C1    . RKP C 2 .  ? -1.216  3.029  -2.105  0.50 29.86  ? 102 RKP A C1    1 
HETATM 256 N  N1    . RKP C 2 .  ? -2.012  0.932  -2.886  0.50 30.85  ? 102 RKP A N1    1 
HETATM 257 C  C2    . RKP C 2 .  ? -2.470  4.947  -2.767  0.50 28.92  ? 102 RKP A C2    1 
HETATM 258 N  N2    . RKP C 2 .  ? -2.317  3.542  -2.781  0.50 29.91  ? 102 RKP A N2    1 
HETATM 259 C  C3    . RKP C 2 .  ? -1.538  5.764  -2.153  0.50 28.97  ? 102 RKP A C3    1 
HETATM 260 N  N3    . RKP C 2 .  ? 1.734   4.005  -0.225  0.50 33.30  ? 102 RKP A N3    1 
HETATM 261 C  C4    . RKP C 2 .  ? -0.442  5.196  -1.528  0.50 29.02  ? 102 RKP A C4    1 
HETATM 262 N  N4    . RKP C 2 .  ? 2.013   1.226  -0.275  0.50 33.79  ? 102 RKP A N4    1 
HETATM 263 C  C5    . RKP C 2 .  ? -0.274  3.830  -1.508  0.50 30.77  ? 102 RKP A C5    1 
HETATM 264 N  N5    . RKP C 2 .  ? -2.338  1.940  -5.186  0.50 31.47  ? 102 RKP A N5    1 
HETATM 265 C  C6    . RKP C 2 .  ? 0.810   3.224  -0.858  0.50 31.70  ? 102 RKP A C6    1 
HETATM 266 C  C7    . RKP C 2 .  ? 0.947   1.824  -0.879  0.50 31.85  ? 102 RKP A C7    1 
HETATM 267 C  C8    . RKP C 2 .  ? -0.023  1.029  -1.511  0.50 31.07  ? 102 RKP A C8    1 
HETATM 268 N  N8    . RKP C 2 .  ? -4.338  0.595  -4.257  0.50 30.95  ? 102 RKP A N8    1 
HETATM 269 C  C9    . RKP C 2 .  ? 0.058   -0.345 -1.544  0.50 29.15  ? 102 RKP A C9    1 
HETATM 270 N  N9    . RKP C 2 .  ? -4.581  2.216  -1.842  0.50 31.66  ? 102 RKP A N9    1 
HETATM 271 C  C10   . RKP C 2 .  ? -1.115  1.637  -2.081  0.50 30.50  ? 102 RKP A C10   1 
HETATM 272 C  C11   . RKP C 2 .  ? -0.912  -1.085 -2.199  0.50 29.37  ? 102 RKP A C11   1 
HETATM 273 C  C12   . RKP C 2 .  ? -2.013  -0.461 -2.744  0.50 29.77  ? 102 RKP A C12   1 
HETATM 274 N  N12   . RKP C 2 .  ? -4.793  3.359  -4.111  0.50 29.63  ? 102 RKP A N12   1 
HETATM 275 C  C13   . RKP C 2 .  ? 2.947   2.002  0.362   0.50 36.02  ? 102 RKP A C13   1 
HETATM 276 C  C14   . RKP C 2 .  ? 4.034   1.426  0.998   0.50 33.60  ? 102 RKP A C14   1 
HETATM 277 C  C15   . RKP C 2 .  ? 2.812   3.408  0.385   0.50 35.90  ? 102 RKP A C15   1 
HETATM 278 C  C16   . RKP C 2 .  ? 3.781   4.164  1.026   0.50 33.01  ? 102 RKP A C16   1 
HETATM 279 C  C17   . RKP C 2 .  ? 4.861   3.565  1.652   0.50 31.67  ? 102 RKP A C17   1 
HETATM 280 C  C18   . RKP C 2 .  ? 4.987   2.207  1.633   0.50 32.57  ? 102 RKP A C18   1 
HETATM 281 C  C19   . RKP C 2 .  ? -2.863  1.025  -6.080  0.50 32.65  ? 102 RKP A C19   1 
HETATM 282 C  C20   . RKP C 2 .  ? -1.454  2.904  -5.746  0.50 32.14  ? 102 RKP A C20   1 
HETATM 283 C  C21   . RKP C 2 .  ? -0.835  2.605  -6.967  0.50 30.55  ? 102 RKP A C21   1 
HETATM 284 C  C22   . RKP C 2 .  ? -2.262  0.709  -7.294  0.50 31.21  ? 102 RKP A C22   1 
HETATM 285 C  C23   . RKP C 2 .  ? -2.743  -0.356 -8.025  0.50 30.90  ? 102 RKP A C23   1 
HETATM 286 C  C24   . RKP C 2 .  ? -3.753  -1.126 -7.478  0.50 31.32  ? 102 RKP A C24   1 
HETATM 287 C  C25   . RKP C 2 .  ? -4.299  -0.815 -6.234  0.50 31.12  ? 102 RKP A C25   1 
HETATM 288 C  C26   . RKP C 2 .  ? -3.851  0.245  -5.490  0.50 32.60  ? 102 RKP A C26   1 
HETATM 289 C  C27   . RKP C 2 .  ? -5.801  -1.234 -4.433  0.50 31.86  ? 102 RKP A C27   1 
HETATM 290 C  C28   . RKP C 2 .  ? -5.282  -0.154 -3.726  0.50 35.03  ? 102 RKP A C28   1 
HETATM 291 C  C29   . RKP C 2 .  ? -5.774  2.937  -2.052  0.50 31.00  ? 102 RKP A C29   1 
HETATM 292 C  C30   . RKP C 2 .  ? -4.606  1.311  -0.737  0.50 30.87  ? 102 RKP A C30   1 
HETATM 293 C  C31   . RKP C 2 .  ? -5.535  1.533  0.282   0.50 29.91  ? 102 RKP A C31   1 
HETATM 294 C  C32   . RKP C 2 .  ? -6.700  3.159  -1.057  0.50 29.53  ? 102 RKP A C32   1 
HETATM 295 C  C33   . RKP C 2 .  ? -7.734  4.044  -1.286  0.50 29.14  ? 102 RKP A C33   1 
HETATM 296 C  C34   . RKP C 2 .  ? -7.767  4.747  -2.475  0.50 29.06  ? 102 RKP A C34   1 
HETATM 297 C  C35   . RKP C 2 .  ? -6.787  4.530  -3.431  0.50 29.82  ? 102 RKP A C35   1 
HETATM 298 C  C36   . RKP C 2 .  ? -5.773  3.644  -3.222  0.50 30.75  ? 102 RKP A C36   1 
HETATM 299 C  C37   . RKP C 2 .  ? -5.757  4.948  -5.540  0.50 30.50  ? 102 RKP A C37   1 
HETATM 300 C  C38   . RKP C 2 .  ? -4.752  4.047  -5.243  0.50 32.24  ? 102 RKP A C38   1 
HETATM 301 C  C41   . RKP C 2 .  ? -1.257  1.544  -7.766  0.50 31.57  ? 102 RKP A C41   1 
HETATM 302 C  C42   . RKP C 2 .  ? -5.302  -1.568 -5.686  0.50 33.06  ? 102 RKP A C42   1 
HETATM 303 C  C43   . RKP C 2 .  ? -6.601  2.416  0.110   0.50 30.29  ? 102 RKP A C43   1 
HETATM 304 C  C44   . RKP C 2 .  ? -6.786  5.196  -4.630  0.50 31.21  ? 102 RKP A C44   1 
HETATM 305 BA BA    . BA  D 3 .  ? 1.456   3.727  6.268   1.00 33.32  ? 103 BA  A BA    1 
HETATM 306 O  O     . HOH E 4 .  ? 3.311   -0.591 7.235   1.00 40.61  ? 201 HOH A O     1 
HETATM 307 O  O     . HOH E 4 .  ? 3.206   -3.588 3.597   1.00 50.22  ? 202 HOH A O     1 
HETATM 308 O  O     . HOH E 4 .  ? -4.481  -2.409 4.112   1.00 29.12  ? 203 HOH A O     1 
HETATM 309 O  O     . HOH E 4 .  ? -3.968  -1.463 1.487   1.00 33.76  ? 204 HOH A O     1 
HETATM 310 O  O     . HOH E 4 .  ? -4.709  -2.504 -0.991  1.00 35.53  ? 205 HOH A O     1 
HETATM 311 O  O     . HOH E 4 .  ? -8.150  -0.497 -1.597  1.00 43.29  ? 206 HOH A O     1 
HETATM 312 O  O     . HOH E 4 .  ? 2.803   -5.432 -8.919  1.00 44.13  ? 207 HOH A O     1 
HETATM 313 O  O     . HOH E 4 .  ? -6.637  1.505  12.881  1.00 28.19  ? 208 HOH A O     1 
HETATM 314 O  O     . HOH E 4 .  ? -9.443  -4.502 10.447  1.00 31.89  ? 209 HOH A O     1 
HETATM 315 O  O     . HOH E 4 .  ? 4.017   3.431  5.090   1.00 38.14  ? 210 HOH A O     1 
HETATM 316 O  O     . HOH E 4 .  ? 2.126   5.476  4.751   1.00 44.19  ? 211 HOH A O     1 
HETATM 317 O  O     . HOH E 4 .  ? 2.829   5.056  8.517   1.00 42.53  ? 212 HOH A O     1 
HETATM 318 O  O     . HOH E 4 .  ? 2.973   1.689  7.936   1.00 34.29  ? 213 HOH A O     1 
HETATM 319 O  O     . HOH E 4 .  ? -1.695  -1.198 13.934  1.00 38.83  ? 214 HOH A O     1 
HETATM 320 O  O     . HOH E 4 .  ? -4.443  -4.535 5.549   1.00 41.39  ? 215 HOH A O     1 
HETATM 321 O  O     . HOH E 4 .  ? -4.980  -5.079 8.350   1.00 36.78  ? 216 HOH A O     1 
HETATM 322 O  O     . HOH E 4 .  ? -7.918  1.287  -6.472  0.50 68.86  ? 217 HOH A O     1 
HETATM 323 O  O     . HOH E 4 .  ? 0.247   5.489  6.711   1.00 43.34  ? 218 HOH A O     1 
HETATM 324 O  O     . HOH E 4 .  ? 1.128   -2.405 -18.879 1.00 63.23  ? 219 HOH A O     1 
HETATM 325 O  O     . HOH E 4 .  ? 3.069   7.555  8.660   1.00 48.80  ? 220 HOH A O     1 
# 
